data_7OO1
#
_entry.id   7OO1
#
_cell.length_a   169.049
_cell.length_b   169.049
_cell.length_c   115.106
_cell.angle_alpha   90.000
_cell.angle_beta   90.000
_cell.angle_gamma   120.000
#
_symmetry.space_group_name_H-M   'P 3 2 1'
#
_entity_poly.entity_id   1
_entity_poly.type   'polypeptide(L)'
_entity_poly.pdbx_seq_one_letter_code
;MTADKKAKILATLGPATRSRDDIRALVEAGANLLRLNFSHGDYADHAQRFAWVREVEAELNYPIGVLMDLQGPKLRVGRF
AAGAVQLQRGQTFTLDLSDAPGDERRVNLPHPEIIHALEPGMSLLLDDGKIRLEVVNCHSDAIETRVAVGGELSDRKGVN
VPEAVLQLSPLTDKDRRDLAFGLELGVDWVALSFVQRPEDIDEARGLIGDKAFLMAKIEKPSAVSAIEAIAERADAIMVA
RGDLGVEVPAESVPGIQKRIVQVCRQLGKPVVVATQMLESMRFSPAPTRAEVTDVATAVGAGADAVMLSAETASGQYPRE
AVEMMAKIVRQVEAEPDYHVQLEVNRPQPDATVSDAISCAIRRVSRILPVAVLVNYTESGNSTLRAARERPKAPILSLTP
NLRTARRLTVAWGVYSVVNEQLAHVDEICSTALDIALAQRMARRGDTVVVTAGVPFGRPGSTNMLRIETVAPPLGDL
;
_entity_poly.pdbx_strand_id   A,B
#
# COMPACT_ATOMS: atom_id res chain seq x y z
N MET A 1 22.80 22.24 2.73
CA MET A 1 21.68 21.31 2.41
C MET A 1 22.25 19.92 2.13
N THR A 2 21.65 18.88 2.71
CA THR A 2 22.11 17.49 2.50
C THR A 2 21.06 16.72 1.70
N ALA A 3 21.47 16.02 0.64
CA ALA A 3 20.51 15.27 -0.20
C ALA A 3 20.24 13.89 0.42
N ASP A 4 19.61 13.87 1.59
CA ASP A 4 19.27 12.59 2.26
C ASP A 4 18.25 11.82 1.41
N LYS A 5 17.27 12.54 0.85
CA LYS A 5 16.21 11.88 0.03
C LYS A 5 16.05 12.62 -1.30
N LYS A 6 15.68 11.91 -2.36
CA LYS A 6 15.49 12.52 -3.70
C LYS A 6 14.02 12.93 -3.86
N ALA A 7 13.09 12.10 -3.41
CA ALA A 7 11.66 12.46 -3.47
C ALA A 7 11.43 13.73 -2.65
N LYS A 8 10.52 14.59 -3.09
CA LYS A 8 10.33 15.90 -2.40
C LYS A 8 9.19 15.85 -1.39
N ILE A 9 9.24 16.74 -0.37
CA ILE A 9 8.22 16.80 0.67
C ILE A 9 7.67 18.22 0.73
N LEU A 10 6.41 18.38 0.30
CA LEU A 10 5.72 19.69 0.40
C LEU A 10 4.95 19.71 1.73
N ALA A 11 5.19 20.70 2.59
CA ALA A 11 4.55 20.72 3.92
C ALA A 11 3.60 21.91 4.05
N THR A 12 2.35 21.67 4.44
CA THR A 12 1.35 22.75 4.56
C THR A 12 1.66 23.65 5.76
N LEU A 13 1.36 24.95 5.67
CA LEU A 13 1.57 25.90 6.79
C LEU A 13 0.21 26.30 7.33
N GLY A 14 0.03 26.27 8.66
CA GLY A 14 -1.29 26.53 9.25
C GLY A 14 -1.20 27.09 10.65
N PRO A 15 -2.27 27.01 11.47
CA PRO A 15 -2.27 27.60 12.82
C PRO A 15 -1.18 27.04 13.73
N ALA A 16 -0.91 25.72 13.65
CA ALA A 16 0.11 25.10 14.53
C ALA A 16 1.46 25.76 14.24
N THR A 17 1.78 26.00 12.96
CA THR A 17 3.03 26.75 12.65
C THR A 17 2.81 28.17 13.19
N ARG A 18 3.76 28.73 13.93
CA ARG A 18 3.52 30.05 14.56
C ARG A 18 4.85 30.77 14.82
N SER A 19 5.95 30.28 14.24
CA SER A 19 7.20 30.97 14.44
C SER A 19 7.87 31.19 13.10
N ARG A 20 8.70 32.22 13.01
CA ARG A 20 9.66 32.24 11.91
C ARG A 20 10.59 31.04 12.04
N ASP A 21 10.90 30.66 13.29
CA ASP A 21 11.76 29.51 13.56
C ASP A 21 11.07 28.16 13.30
N ASP A 22 9.74 28.12 13.38
CA ASP A 22 8.99 26.86 13.10
C ASP A 22 9.26 26.40 11.65
N ILE A 23 9.21 27.34 10.69
CA ILE A 23 9.43 26.99 9.25
C ILE A 23 10.85 26.45 9.10
N ARG A 24 11.82 27.04 9.80
CA ARG A 24 13.23 26.62 9.69
C ARG A 24 13.34 25.16 10.14
N ALA A 25 12.64 24.79 11.22
CA ALA A 25 12.69 23.41 11.73
C ALA A 25 12.13 22.45 10.67
N LEU A 26 11.04 22.83 9.99
CA LEU A 26 10.40 21.92 9.00
C LEU A 26 11.36 21.62 7.84
N VAL A 27 12.07 22.63 7.33
CA VAL A 27 12.97 22.40 6.15
C VAL A 27 14.22 21.69 6.65
N GLU A 28 14.61 21.95 7.90
CA GLU A 28 15.79 21.28 8.52
C GLU A 28 15.51 19.78 8.65
N ALA A 29 14.23 19.38 8.52
CA ALA A 29 13.85 17.96 8.59
C ALA A 29 13.58 17.43 7.17
N GLY A 30 14.02 18.16 6.15
CA GLY A 30 13.88 17.69 4.75
C GLY A 30 12.65 18.19 4.01
N ALA A 31 11.86 19.10 4.60
CA ALA A 31 10.73 19.67 3.81
C ALA A 31 11.30 20.52 2.67
N ASN A 32 10.75 20.39 1.46
CA ASN A 32 11.30 21.13 0.29
C ASN A 32 10.39 22.32 -0.06
N LEU A 33 9.06 22.09 -0.13
CA LEU A 33 8.12 23.17 -0.52
C LEU A 33 7.27 23.54 0.69
N LEU A 34 6.53 24.65 0.63
CA LEU A 34 5.62 25.00 1.75
C LEU A 34 4.26 25.40 1.16
N ARG A 35 3.16 24.89 1.72
CA ARG A 35 1.82 25.13 1.11
C ARG A 35 0.97 26.05 1.98
N LEU A 36 0.37 27.09 1.37
CA LEU A 36 -0.58 27.94 2.13
C LEU A 36 -1.99 27.56 1.68
N ASN A 37 -2.81 27.05 2.61
CA ASN A 37 -4.18 26.59 2.24
C ASN A 37 -5.14 27.77 2.28
N PHE A 38 -5.54 28.28 1.12
CA PHE A 38 -6.42 29.44 1.11
C PHE A 38 -7.87 29.09 1.41
N SER A 39 -8.18 27.86 1.74
CA SER A 39 -9.53 27.57 2.21
C SER A 39 -9.69 27.92 3.68
N HIS A 40 -8.60 28.15 4.39
CA HIS A 40 -8.59 28.52 5.80
C HIS A 40 -7.83 29.84 5.94
N GLY A 41 -7.57 30.21 7.18
CA GLY A 41 -6.81 31.40 7.53
C GLY A 41 -7.36 32.71 6.98
N ASP A 42 -6.69 33.80 7.32
CA ASP A 42 -6.95 35.09 6.69
C ASP A 42 -5.66 35.66 6.16
N TYR A 43 -5.78 36.59 5.19
CA TYR A 43 -4.64 37.01 4.39
C TYR A 43 -3.47 37.51 5.25
N ALA A 44 -3.78 38.01 6.45
CA ALA A 44 -2.73 38.46 7.35
C ALA A 44 -1.87 37.29 7.81
N ASP A 45 -2.50 36.13 8.03
CA ASP A 45 -1.78 34.93 8.41
C ASP A 45 -0.91 34.41 7.26
N HIS A 46 -1.50 34.28 6.07
CA HIS A 46 -0.71 33.87 4.91
C HIS A 46 0.44 34.83 4.68
N ALA A 47 0.14 36.12 4.52
CA ALA A 47 1.19 37.10 4.28
C ALA A 47 2.26 37.03 5.36
N GLN A 48 1.85 36.78 6.61
CA GLN A 48 2.85 36.65 7.72
C GLN A 48 3.71 35.40 7.50
N ARG A 49 3.06 34.24 7.31
CA ARG A 49 3.80 32.96 7.16
C ARG A 49 4.68 33.02 5.89
N PHE A 50 4.14 33.59 4.80
CA PHE A 50 4.91 33.71 3.54
C PHE A 50 6.23 34.42 3.83
N ALA A 51 6.17 35.60 4.47
CA ALA A 51 7.38 36.34 4.80
C ALA A 51 8.30 35.50 5.68
N TRP A 52 7.74 34.87 6.71
CA TRP A 52 8.54 33.99 7.60
C TRP A 52 9.33 33.00 6.74
N VAL A 53 8.68 32.37 5.76
CA VAL A 53 9.34 31.37 4.87
C VAL A 53 10.46 32.09 4.10
N ARG A 54 10.20 33.30 3.62
CA ARG A 54 11.20 34.02 2.80
C ARG A 54 12.40 34.43 3.66
N GLU A 55 12.21 34.63 4.97
CA GLU A 55 13.42 34.92 5.79
C GLU A 55 14.32 33.68 5.79
N VAL A 56 13.72 32.51 6.05
CA VAL A 56 14.43 31.21 6.13
C VAL A 56 15.11 30.91 4.79
N GLU A 57 14.44 31.19 3.68
CA GLU A 57 15.04 30.91 2.34
C GLU A 57 16.32 31.72 2.19
N ALA A 58 16.30 32.99 2.61
CA ALA A 58 17.49 33.86 2.53
C ALA A 58 18.53 33.39 3.56
N GLU A 59 18.09 33.05 4.78
CA GLU A 59 19.05 32.63 5.83
C GLU A 59 19.78 31.35 5.40
N LEU A 60 19.06 30.33 4.92
CA LEU A 60 19.75 29.07 4.52
C LEU A 60 20.46 29.27 3.18
N ASN A 61 19.99 30.25 2.40
CA ASN A 61 20.55 30.67 1.08
C ASN A 61 20.25 29.67 -0.03
N TYR A 62 19.37 28.68 0.20
CA TYR A 62 19.01 27.73 -0.87
C TYR A 62 17.52 27.84 -1.17
N PRO A 63 17.14 28.05 -2.45
CA PRO A 63 15.75 28.29 -2.85
C PRO A 63 14.71 27.25 -2.38
N ILE A 64 13.73 27.72 -1.61
CA ILE A 64 12.59 26.85 -1.17
C ILE A 64 11.32 27.50 -1.72
N GLY A 65 10.56 26.76 -2.52
CA GLY A 65 9.34 27.29 -3.17
C GLY A 65 8.16 27.40 -2.22
N VAL A 66 7.16 28.18 -2.62
CA VAL A 66 5.91 28.38 -1.83
C VAL A 66 4.73 28.08 -2.75
N LEU A 67 3.79 27.22 -2.30
CA LEU A 67 2.63 26.84 -3.13
C LEU A 67 1.35 27.35 -2.48
N MET A 68 0.47 27.97 -3.27
CA MET A 68 -0.79 28.51 -2.78
C MET A 68 -1.91 27.66 -3.34
N ASP A 69 -2.79 27.17 -2.45
CA ASP A 69 -3.79 26.17 -2.80
C ASP A 69 -5.15 26.87 -2.86
N LEU A 70 -5.69 27.01 -4.06
CA LEU A 70 -7.01 27.61 -4.22
C LEU A 70 -8.09 26.68 -3.68
N GLN A 71 -9.11 27.26 -3.06
CA GLN A 71 -10.24 26.48 -2.55
C GLN A 71 -11.14 25.91 -3.65
N GLY A 72 -11.29 26.59 -4.77
CA GLY A 72 -12.22 26.14 -5.78
C GLY A 72 -13.67 26.40 -5.37
N PRO A 73 -14.63 26.10 -6.26
CA PRO A 73 -16.05 26.18 -5.88
C PRO A 73 -16.40 25.13 -4.86
N LYS A 74 -17.28 25.50 -3.95
CA LYS A 74 -17.84 24.60 -2.94
C LYS A 74 -19.32 24.46 -3.25
N LEU A 75 -19.78 23.22 -3.48
CA LEU A 75 -21.16 22.97 -3.91
C LEU A 75 -21.97 22.47 -2.72
N ARG A 76 -22.83 23.32 -2.18
CA ARG A 76 -23.57 22.99 -0.97
C ARG A 76 -25.07 23.11 -1.22
N VAL A 77 -25.82 22.35 -0.44
CA VAL A 77 -27.28 22.28 -0.58
C VAL A 77 -27.91 23.40 0.22
N GLY A 78 -29.18 23.67 -0.01
CA GLY A 78 -29.86 24.77 0.65
C GLY A 78 -30.18 24.54 2.12
N ARG A 79 -31.12 25.31 2.65
CA ARG A 79 -31.49 25.27 4.07
C ARG A 79 -32.72 24.41 4.30
N PHE A 80 -32.82 23.87 5.52
CA PHE A 80 -33.95 23.05 5.93
C PHE A 80 -34.73 23.76 7.02
N ALA A 81 -36.06 23.83 6.86
CA ALA A 81 -36.91 24.38 7.90
C ALA A 81 -36.73 23.63 9.21
N ALA A 82 -36.83 22.30 9.15
CA ALA A 82 -36.49 21.46 10.29
C ALA A 82 -35.04 21.66 10.71
N GLY A 83 -34.15 21.86 9.74
CA GLY A 83 -32.72 21.91 10.01
C GLY A 83 -32.10 20.55 9.77
N ALA A 84 -32.64 19.53 10.41
CA ALA A 84 -32.17 18.16 10.21
C ALA A 84 -33.36 17.32 9.76
N VAL A 85 -33.42 17.02 8.46
CA VAL A 85 -34.43 16.13 7.91
C VAL A 85 -33.85 14.74 7.78
N GLN A 86 -34.57 13.74 8.26
CA GLN A 86 -34.12 12.35 8.23
C GLN A 86 -34.63 11.73 6.94
N LEU A 87 -33.79 11.71 5.89
CA LEU A 87 -34.19 11.07 4.64
C LEU A 87 -34.18 9.54 4.76
N GLN A 88 -35.23 8.92 4.21
CA GLN A 88 -35.48 7.47 4.25
C GLN A 88 -35.14 6.80 2.91
N ARG A 89 -34.66 5.54 2.96
CA ARG A 89 -34.21 4.86 1.75
C ARG A 89 -35.36 4.62 0.76
N GLY A 90 -35.06 4.71 -0.53
CA GLY A 90 -36.06 4.46 -1.57
C GLY A 90 -37.28 5.37 -1.62
N GLN A 91 -37.17 6.63 -1.23
CA GLN A 91 -38.28 7.57 -1.30
C GLN A 91 -37.93 8.74 -2.22
N THR A 92 -38.96 9.30 -2.85
CA THR A 92 -38.77 10.38 -3.82
C THR A 92 -38.59 11.74 -3.14
N PHE A 93 -37.58 12.50 -3.60
CA PHE A 93 -37.16 13.77 -3.03
C PHE A 93 -36.72 14.69 -4.17
N THR A 94 -36.97 15.99 -4.03
CA THR A 94 -36.63 16.94 -5.09
C THR A 94 -35.87 18.13 -4.55
N LEU A 95 -35.18 18.84 -5.46
CA LEU A 95 -34.49 20.07 -5.13
C LEU A 95 -34.65 21.15 -6.21
N ASP A 96 -35.08 22.35 -5.80
CA ASP A 96 -35.44 23.46 -6.67
C ASP A 96 -34.32 24.50 -6.70
N LEU A 97 -34.47 25.54 -7.53
CA LEU A 97 -33.64 26.73 -7.33
C LEU A 97 -34.21 27.61 -6.23
N SER A 98 -35.55 27.67 -6.12
CA SER A 98 -36.24 28.53 -5.15
C SER A 98 -35.90 28.16 -3.71
N ASP A 99 -35.78 29.19 -2.86
CA ASP A 99 -35.37 29.02 -1.47
C ASP A 99 -36.47 28.52 -0.52
N ALA A 100 -37.15 27.45 -0.93
CA ALA A 100 -38.12 26.73 -0.09
C ALA A 100 -37.42 26.00 1.05
N PRO A 101 -37.60 26.41 2.30
CA PRO A 101 -37.00 25.66 3.42
C PRO A 101 -37.36 24.19 3.39
N GLY A 102 -36.35 23.34 3.62
CA GLY A 102 -36.43 21.90 3.48
C GLY A 102 -37.54 21.23 4.24
N ASP A 103 -38.25 20.33 3.57
CA ASP A 103 -39.40 19.67 4.19
C ASP A 103 -39.45 18.17 3.90
N GLU A 104 -38.30 17.50 3.78
CA GLU A 104 -38.25 16.07 3.51
C GLU A 104 -38.73 15.76 2.11
N ARG A 105 -39.14 16.78 1.35
CA ARG A 105 -39.54 16.66 -0.04
C ARG A 105 -38.78 17.59 -0.98
N ARG A 106 -38.34 18.77 -0.52
CA ARG A 106 -37.62 19.71 -1.39
C ARG A 106 -36.74 20.67 -0.61
N VAL A 107 -35.48 20.81 -1.06
CA VAL A 107 -34.56 21.86 -0.64
C VAL A 107 -34.01 22.55 -1.89
N ASN A 108 -33.42 23.74 -1.72
CA ASN A 108 -32.89 24.41 -2.91
C ASN A 108 -31.43 24.06 -3.15
N LEU A 109 -30.98 24.27 -4.39
CA LEU A 109 -29.57 24.13 -4.75
C LEU A 109 -29.19 25.47 -5.36
N PRO A 110 -28.69 26.41 -4.56
CA PRO A 110 -28.52 27.81 -5.02
C PRO A 110 -27.81 27.92 -6.37
N HIS A 111 -26.76 27.17 -6.56
CA HIS A 111 -26.04 27.07 -7.81
C HIS A 111 -26.84 26.28 -8.83
N PRO A 112 -27.39 26.93 -9.87
CA PRO A 112 -28.27 26.24 -10.81
C PRO A 112 -27.55 25.56 -11.97
N GLU A 113 -26.32 25.96 -12.28
CA GLU A 113 -25.58 25.33 -13.38
C GLU A 113 -25.32 23.86 -13.13
N ILE A 114 -25.52 23.38 -11.90
CA ILE A 114 -25.58 21.94 -11.65
C ILE A 114 -26.82 21.34 -12.31
N ILE A 115 -27.97 21.97 -12.09
CA ILE A 115 -29.25 21.45 -12.56
C ILE A 115 -29.23 21.20 -14.06
N HIS A 116 -28.64 22.13 -14.82
CA HIS A 116 -28.57 21.98 -16.27
C HIS A 116 -27.68 20.78 -16.64
N ALA A 117 -28.10 20.04 -17.67
CA ALA A 117 -27.37 18.89 -18.21
C ALA A 117 -27.29 17.68 -17.27
N LEU A 118 -28.09 17.62 -16.21
CA LEU A 118 -28.13 16.40 -15.39
C LEU A 118 -29.09 15.41 -16.04
N GLU A 119 -28.58 14.21 -16.34
CA GLU A 119 -29.42 13.23 -17.01
C GLU A 119 -29.94 12.19 -16.04
N PRO A 120 -31.14 11.66 -16.33
CA PRO A 120 -31.67 10.57 -15.50
C PRO A 120 -30.72 9.39 -15.50
N GLY A 121 -30.70 8.66 -14.38
CA GLY A 121 -29.74 7.60 -14.20
C GLY A 121 -28.32 8.07 -13.94
N MET A 122 -28.15 9.26 -13.35
CA MET A 122 -26.87 9.72 -12.81
C MET A 122 -26.98 9.76 -11.30
N SER A 123 -25.88 9.47 -10.61
CA SER A 123 -25.92 9.52 -9.17
C SER A 123 -25.65 10.94 -8.68
N LEU A 124 -26.18 11.25 -7.50
CA LEU A 124 -25.94 12.51 -6.82
C LEU A 124 -25.56 12.24 -5.37
N LEU A 125 -24.41 12.75 -4.95
CA LEU A 125 -23.89 12.47 -3.64
C LEU A 125 -23.99 13.70 -2.75
N LEU A 126 -24.52 13.50 -1.55
CA LEU A 126 -24.58 14.53 -0.52
C LEU A 126 -23.85 14.08 0.73
N ASP A 127 -23.50 15.05 1.57
CA ASP A 127 -22.81 14.83 2.85
C ASP A 127 -21.58 13.95 2.67
N ASP A 128 -20.69 14.42 1.79
CA ASP A 128 -19.45 13.70 1.47
C ASP A 128 -19.77 12.30 0.98
N GLY A 129 -20.78 12.19 0.13
CA GLY A 129 -21.15 10.91 -0.43
C GLY A 129 -21.84 9.98 0.54
N LYS A 130 -22.09 10.41 1.79
CA LYS A 130 -22.77 9.53 2.75
C LYS A 130 -24.12 9.06 2.22
N ILE A 131 -24.89 9.97 1.63
CA ILE A 131 -26.15 9.63 0.98
C ILE A 131 -25.95 9.70 -0.54
N ARG A 132 -26.52 8.72 -1.24
CA ARG A 132 -26.54 8.67 -2.69
C ARG A 132 -27.96 8.97 -3.15
N LEU A 133 -28.09 9.89 -4.09
CA LEU A 133 -29.38 10.19 -4.69
C LEU A 133 -29.35 9.74 -6.14
N GLU A 134 -30.44 9.15 -6.59
CA GLU A 134 -30.62 8.75 -7.98
C GLU A 134 -31.63 9.69 -8.63
N VAL A 135 -31.24 10.27 -9.77
CA VAL A 135 -32.11 11.18 -10.51
C VAL A 135 -33.09 10.38 -11.35
N VAL A 136 -34.39 10.52 -11.07
CA VAL A 136 -35.42 9.76 -11.79
C VAL A 136 -35.89 10.51 -13.03
N ASN A 137 -36.16 11.80 -12.91
CA ASN A 137 -36.50 12.65 -14.06
C ASN A 137 -36.30 14.10 -13.66
N CYS A 138 -35.92 14.92 -14.63
CA CYS A 138 -35.51 16.30 -14.38
C CYS A 138 -36.43 17.31 -15.05
N HIS A 139 -36.38 18.54 -14.52
CA HIS A 139 -36.97 19.76 -15.08
C HIS A 139 -35.92 20.86 -15.04
N SER A 140 -36.24 22.02 -15.61
CA SER A 140 -35.33 23.16 -15.57
C SER A 140 -35.19 23.74 -14.16
N ASP A 141 -36.28 23.77 -13.40
CA ASP A 141 -36.26 24.37 -12.07
C ASP A 141 -35.86 23.41 -10.95
N ALA A 142 -35.99 22.10 -11.16
CA ALA A 142 -35.77 21.14 -10.08
C ALA A 142 -35.41 19.78 -10.66
N ILE A 143 -34.93 18.90 -9.78
CA ILE A 143 -34.60 17.52 -10.14
C ILE A 143 -35.32 16.58 -9.20
N GLU A 144 -36.14 15.70 -9.77
CA GLU A 144 -36.84 14.67 -9.00
C GLU A 144 -35.87 13.52 -8.78
N THR A 145 -35.77 13.06 -7.55
CA THR A 145 -34.80 12.02 -7.23
C THR A 145 -35.45 10.91 -6.44
N ARG A 146 -34.74 9.78 -6.40
CA ARG A 146 -35.08 8.66 -5.56
C ARG A 146 -33.89 8.42 -4.63
N VAL A 147 -34.16 8.33 -3.34
CA VAL A 147 -33.10 8.09 -2.38
C VAL A 147 -32.53 6.69 -2.57
N ALA A 148 -31.24 6.61 -2.92
CA ALA A 148 -30.58 5.31 -3.02
C ALA A 148 -29.83 4.91 -1.74
N VAL A 149 -29.49 5.88 -0.88
CA VAL A 149 -28.98 5.66 0.48
C VAL A 149 -29.47 6.83 1.33
N GLY A 150 -29.92 6.53 2.55
CA GLY A 150 -30.55 7.51 3.41
C GLY A 150 -29.74 7.85 4.66
N GLY A 151 -30.24 8.84 5.38
CA GLY A 151 -29.64 9.29 6.62
C GLY A 151 -29.94 10.75 6.84
N GLU A 152 -29.66 11.20 8.07
CA GLU A 152 -29.87 12.60 8.41
C GLU A 152 -29.14 13.50 7.43
N LEU A 153 -29.87 14.48 6.90
CA LEU A 153 -29.35 15.42 5.92
C LEU A 153 -29.48 16.83 6.51
N SER A 154 -28.43 17.32 7.15
CA SER A 154 -28.48 18.68 7.66
C SER A 154 -28.45 19.69 6.50
N ASP A 155 -28.81 20.94 6.81
CA ASP A 155 -28.77 22.00 5.80
C ASP A 155 -27.34 22.42 5.49
N ARG A 156 -27.19 23.06 4.32
CA ARG A 156 -25.90 23.58 3.80
C ARG A 156 -24.84 22.49 3.74
N LYS A 157 -25.27 21.25 3.55
CA LYS A 157 -24.36 20.11 3.41
C LYS A 157 -23.83 20.05 1.97
N GLY A 158 -22.78 19.28 1.78
CA GLY A 158 -22.04 19.31 0.54
C GLY A 158 -22.56 18.38 -0.54
N VAL A 159 -22.41 18.81 -1.80
CA VAL A 159 -22.94 18.09 -2.94
C VAL A 159 -21.80 17.69 -3.86
N ASN A 160 -21.92 16.51 -4.47
CA ASN A 160 -20.94 16.01 -5.42
C ASN A 160 -21.64 15.35 -6.59
N VAL A 161 -21.12 15.58 -7.78
CA VAL A 161 -21.73 14.95 -8.95
C VAL A 161 -20.62 14.32 -9.79
N PRO A 162 -20.46 13.01 -9.69
CA PRO A 162 -19.29 12.37 -10.30
C PRO A 162 -19.46 12.14 -11.78
N GLU A 163 -20.70 11.86 -12.17
CA GLU A 163 -21.00 11.48 -13.54
C GLU A 163 -20.96 12.70 -14.45
N ALA A 164 -21.57 13.79 -14.00
CA ALA A 164 -21.70 14.97 -14.83
C ALA A 164 -20.43 15.79 -14.83
N VAL A 165 -20.12 16.35 -16.00
CA VAL A 165 -19.11 17.38 -16.17
C VAL A 165 -19.86 18.68 -16.38
N LEU A 166 -19.58 19.66 -15.51
CA LEU A 166 -20.37 20.88 -15.41
C LEU A 166 -19.68 22.04 -16.11
N GLN A 167 -20.49 22.86 -16.79
CA GLN A 167 -20.01 24.14 -17.30
C GLN A 167 -19.97 25.06 -16.10
N LEU A 168 -18.84 25.01 -15.41
CA LEU A 168 -18.55 25.92 -14.31
C LEU A 168 -17.05 26.11 -14.26
N SER A 169 -16.64 27.35 -14.00
CA SER A 169 -15.22 27.64 -14.02
C SER A 169 -14.57 27.23 -12.70
N PRO A 170 -13.36 26.60 -12.66
CA PRO A 170 -12.79 26.16 -11.39
C PRO A 170 -12.35 27.39 -10.59
N LEU A 171 -12.46 28.57 -11.20
CA LEU A 171 -12.06 29.82 -10.51
C LEU A 171 -13.32 30.45 -9.91
N THR A 172 -13.36 30.57 -8.58
CA THR A 172 -14.51 31.23 -7.92
C THR A 172 -14.16 32.72 -7.81
N ASP A 173 -15.15 33.58 -7.57
CA ASP A 173 -14.83 34.98 -7.36
C ASP A 173 -13.89 35.12 -6.17
N LYS A 174 -14.12 34.30 -5.14
CA LYS A 174 -13.21 34.23 -4.00
C LYS A 174 -11.82 33.77 -4.43
N ASP A 175 -11.76 32.82 -5.37
CA ASP A 175 -10.45 32.29 -5.83
C ASP A 175 -9.70 33.38 -6.60
N ARG A 176 -10.42 34.22 -7.36
CA ARG A 176 -9.77 35.31 -8.13
C ARG A 176 -9.12 36.31 -7.16
N ARG A 177 -9.78 36.61 -6.05
CA ARG A 177 -9.19 37.51 -5.03
C ARG A 177 -7.93 36.84 -4.47
N ASP A 178 -8.01 35.53 -4.22
CA ASP A 178 -6.85 34.77 -3.68
C ASP A 178 -5.71 34.82 -4.70
N LEU A 179 -6.03 34.70 -6.00
CA LEU A 179 -5.00 34.69 -7.06
C LEU A 179 -4.26 36.03 -7.08
N ALA A 180 -4.99 37.13 -6.97
CA ALA A 180 -4.36 38.48 -7.07
C ALA A 180 -3.50 38.74 -5.83
N PHE A 181 -3.81 38.10 -4.71
CA PHE A 181 -3.08 38.33 -3.48
C PHE A 181 -1.79 37.51 -3.44
N GLY A 182 -1.89 36.26 -3.91
CA GLY A 182 -0.71 35.37 -3.91
C GLY A 182 0.29 35.77 -4.98
N LEU A 183 -0.19 36.19 -6.15
CA LEU A 183 0.71 36.66 -7.24
C LEU A 183 1.45 37.90 -6.74
N GLU A 184 0.75 38.80 -6.05
CA GLU A 184 1.39 40.01 -5.48
C GLU A 184 2.47 39.56 -4.49
N LEU A 185 2.17 38.55 -3.68
CA LEU A 185 3.12 38.07 -2.68
C LEU A 185 4.39 37.52 -3.28
N GLY A 186 4.29 36.89 -4.45
CA GLY A 186 5.42 36.23 -5.07
C GLY A 186 5.41 34.72 -4.85
N VAL A 187 4.22 34.12 -4.83
CA VAL A 187 4.17 32.66 -4.76
C VAL A 187 4.67 32.12 -6.09
N ASP A 188 5.26 30.91 -6.03
CA ASP A 188 5.85 30.24 -7.17
C ASP A 188 4.87 29.28 -7.83
N TRP A 189 4.10 28.60 -7.00
CA TRP A 189 3.18 27.55 -7.43
C TRP A 189 1.75 27.84 -7.00
N VAL A 190 0.84 27.83 -7.98
CA VAL A 190 -0.60 27.90 -7.74
C VAL A 190 -1.21 26.54 -8.02
N ALA A 191 -1.87 25.96 -7.02
CA ALA A 191 -2.62 24.71 -7.19
C ALA A 191 -4.09 25.01 -7.50
N LEU A 192 -4.58 24.56 -8.66
CA LEU A 192 -5.94 24.81 -9.09
C LEU A 192 -6.85 23.64 -8.71
N SER A 193 -8.03 23.96 -8.16
CA SER A 193 -9.01 22.95 -7.77
C SER A 193 -10.10 22.79 -8.82
N PHE A 194 -10.87 21.69 -8.66
CA PHE A 194 -12.07 21.44 -9.45
C PHE A 194 -11.78 21.38 -10.96
N VAL A 195 -10.60 20.87 -11.32
CA VAL A 195 -10.25 20.76 -12.73
C VAL A 195 -11.03 19.60 -13.35
N GLN A 196 -11.81 19.90 -14.39
CA GLN A 196 -12.55 18.88 -15.13
C GLN A 196 -12.36 18.90 -16.64
N ARG A 197 -11.80 19.96 -17.20
CA ARG A 197 -11.54 20.13 -18.62
C ARG A 197 -10.15 20.69 -18.77
N PRO A 198 -9.45 20.34 -19.86
CA PRO A 198 -8.11 20.91 -20.04
C PRO A 198 -8.17 22.40 -20.30
N GLU A 199 -9.30 22.89 -20.81
CA GLU A 199 -9.49 24.31 -21.05
C GLU A 199 -9.51 25.09 -19.76
N ASP A 200 -9.87 24.45 -18.66
CA ASP A 200 -9.88 25.12 -17.36
C ASP A 200 -8.47 25.56 -16.94
N ILE A 201 -7.44 24.93 -17.48
CA ILE A 201 -6.08 25.36 -17.18
C ILE A 201 -5.77 26.69 -17.86
N ASP A 202 -6.22 26.82 -19.12
CA ASP A 202 -5.93 28.05 -19.91
C ASP A 202 -6.43 29.29 -19.17
N GLU A 203 -7.66 29.25 -18.64
CA GLU A 203 -8.23 30.46 -18.00
C GLU A 203 -7.37 30.84 -16.80
N ALA A 204 -6.98 29.86 -15.99
CA ALA A 204 -6.12 30.13 -14.82
C ALA A 204 -4.76 30.63 -15.28
N ARG A 205 -4.19 30.02 -16.33
CA ARG A 205 -2.82 30.42 -16.80
C ARG A 205 -2.84 31.87 -17.27
N GLY A 206 -3.91 32.29 -17.95
CA GLY A 206 -4.00 33.68 -18.43
C GLY A 206 -4.00 34.64 -17.27
N LEU A 207 -4.75 34.34 -16.21
CA LEU A 207 -4.74 35.19 -14.99
C LEU A 207 -3.35 35.13 -14.34
N ILE A 208 -2.75 33.93 -14.26
CA ILE A 208 -1.43 33.76 -13.57
C ILE A 208 -0.33 34.52 -14.31
N GLY A 209 -0.31 34.43 -15.65
CA GLY A 209 0.80 35.05 -16.40
C GLY A 209 2.08 34.25 -16.26
N ASP A 210 3.22 34.86 -16.56
CA ASP A 210 4.53 34.17 -16.37
C ASP A 210 4.99 34.38 -14.92
N LYS A 211 4.13 34.96 -14.08
CA LYS A 211 4.50 35.28 -12.68
C LYS A 211 4.71 33.99 -11.88
N ALA A 212 3.87 32.97 -12.09
CA ALA A 212 3.97 31.74 -11.29
C ALA A 212 3.68 30.50 -12.15
N PHE A 213 4.06 29.31 -11.69
CA PHE A 213 3.73 28.07 -12.42
C PHE A 213 2.40 27.53 -11.86
N LEU A 214 1.70 26.67 -12.61
CA LEU A 214 0.35 26.20 -12.16
C LEU A 214 0.31 24.68 -12.02
N MET A 215 -0.31 24.18 -10.95
CA MET A 215 -0.44 22.72 -10.72
C MET A 215 -1.92 22.33 -10.73
N ALA A 216 -2.29 21.30 -11.51
CA ALA A 216 -3.71 20.90 -11.62
C ALA A 216 -4.02 19.79 -10.61
N LYS A 217 -5.13 19.92 -9.87
CA LYS A 217 -5.51 18.92 -8.89
C LYS A 217 -6.52 17.98 -9.52
N ILE A 218 -6.16 16.70 -9.61
CA ILE A 218 -7.07 15.66 -10.09
C ILE A 218 -8.03 15.29 -8.96
N GLU A 219 -9.29 15.72 -9.08
CA GLU A 219 -10.28 15.51 -8.04
C GLU A 219 -11.58 14.92 -8.55
N LYS A 220 -11.81 14.88 -9.85
CA LYS A 220 -13.07 14.39 -10.40
C LYS A 220 -12.75 13.29 -11.39
N PRO A 221 -13.69 12.37 -11.65
CA PRO A 221 -13.43 11.38 -12.71
C PRO A 221 -13.25 12.03 -14.06
N SER A 222 -14.03 13.09 -14.28
CA SER A 222 -13.98 14.02 -15.40
C SER A 222 -12.54 14.35 -15.77
N ALA A 223 -11.73 14.68 -14.76
CA ALA A 223 -10.32 14.99 -15.02
C ALA A 223 -9.52 13.73 -15.27
N VAL A 224 -9.82 12.65 -14.52
CA VAL A 224 -9.02 11.45 -14.67
C VAL A 224 -9.16 10.89 -16.07
N SER A 225 -10.38 10.92 -16.61
CA SER A 225 -10.58 10.52 -17.99
C SER A 225 -9.66 11.33 -18.91
N ALA A 226 -9.71 12.67 -18.78
CA ALA A 226 -8.91 13.55 -19.60
C ALA A 226 -7.58 13.90 -18.95
N ILE A 227 -7.02 12.98 -18.17
CA ILE A 227 -5.76 13.27 -17.50
C ILE A 227 -4.65 13.61 -18.48
N GLU A 228 -4.52 12.83 -19.56
CA GLU A 228 -3.43 13.05 -20.50
C GLU A 228 -3.47 14.47 -21.03
N ALA A 229 -4.65 14.90 -21.48
CA ALA A 229 -4.83 16.27 -21.97
C ALA A 229 -4.51 17.31 -20.89
N ILE A 230 -5.09 17.17 -19.70
CA ILE A 230 -4.87 18.13 -18.62
C ILE A 230 -3.39 18.21 -18.27
N ALA A 231 -2.70 17.06 -18.26
CA ALA A 231 -1.28 17.05 -17.88
C ALA A 231 -0.42 17.76 -18.90
N GLU A 232 -0.89 17.87 -20.14
CA GLU A 232 -0.12 18.58 -21.14
C GLU A 232 -0.22 20.09 -20.96
N ARG A 233 -1.42 20.62 -20.70
CA ARG A 233 -1.65 22.06 -20.60
C ARG A 233 -1.19 22.68 -19.30
N ALA A 234 -0.78 21.91 -18.29
CA ALA A 234 -0.36 22.47 -17.01
C ALA A 234 1.11 22.18 -16.75
N ASP A 235 1.61 22.72 -15.64
CA ASP A 235 3.02 22.59 -15.32
C ASP A 235 3.30 21.42 -14.40
N ALA A 236 2.29 20.97 -13.66
CA ALA A 236 2.45 19.83 -12.72
C ALA A 236 1.07 19.32 -12.31
N ILE A 237 1.01 18.11 -11.75
CA ILE A 237 -0.32 17.50 -11.38
C ILE A 237 -0.28 17.06 -9.91
N MET A 238 -1.31 17.41 -9.13
CA MET A 238 -1.41 16.94 -7.72
C MET A 238 -2.59 15.98 -7.62
N VAL A 239 -2.39 14.80 -7.02
CA VAL A 239 -3.52 13.82 -6.85
C VAL A 239 -4.12 14.02 -5.46
N ALA A 240 -5.38 14.45 -5.39
CA ALA A 240 -6.06 14.59 -4.09
C ALA A 240 -6.82 13.29 -3.84
N ARG A 241 -6.13 12.25 -3.37
CA ARG A 241 -6.75 10.94 -3.21
C ARG A 241 -8.06 11.06 -2.45
N GLY A 242 -8.00 11.59 -1.22
CA GLY A 242 -9.18 11.78 -0.39
C GLY A 242 -10.38 12.32 -1.13
N ASP A 243 -10.12 13.27 -2.01
CA ASP A 243 -11.21 13.96 -2.67
C ASP A 243 -11.78 13.16 -3.85
N LEU A 244 -11.00 12.27 -4.47
CA LEU A 244 -11.57 11.35 -5.44
C LEU A 244 -12.38 10.28 -4.74
N GLY A 245 -11.83 9.78 -3.62
CA GLY A 245 -12.47 8.73 -2.86
C GLY A 245 -13.95 8.97 -2.60
N VAL A 246 -14.35 10.24 -2.57
CA VAL A 246 -15.78 10.56 -2.50
C VAL A 246 -16.46 10.17 -3.82
N GLU A 247 -15.88 10.61 -4.94
CA GLU A 247 -16.46 10.49 -6.28
C GLU A 247 -16.14 9.20 -7.01
N VAL A 248 -15.39 8.26 -6.43
CA VAL A 248 -15.18 6.96 -7.08
C VAL A 248 -15.09 5.86 -6.02
N PRO A 249 -15.34 4.63 -6.45
CA PRO A 249 -15.00 3.46 -5.64
C PRO A 249 -13.60 3.54 -5.06
N ALA A 250 -13.48 3.46 -3.73
CA ALA A 250 -12.17 3.46 -3.08
C ALA A 250 -11.22 2.48 -3.76
N GLU A 251 -11.67 1.23 -3.96
CA GLU A 251 -10.82 0.20 -4.58
C GLU A 251 -10.24 0.65 -5.91
N SER A 252 -10.95 1.56 -6.59
CA SER A 252 -10.48 2.10 -7.87
C SER A 252 -9.25 3.00 -7.71
N VAL A 253 -9.25 3.83 -6.67
CA VAL A 253 -8.31 4.93 -6.48
C VAL A 253 -6.85 4.53 -6.70
N PRO A 254 -6.28 3.57 -5.95
CA PRO A 254 -4.83 3.36 -6.06
C PRO A 254 -4.43 3.01 -7.45
N GLY A 255 -5.37 2.46 -8.22
CA GLY A 255 -5.14 2.27 -9.64
C GLY A 255 -5.03 3.58 -10.37
N ILE A 256 -6.03 4.45 -10.18
CA ILE A 256 -5.99 5.79 -10.77
C ILE A 256 -4.69 6.50 -10.40
N GLN A 257 -4.38 6.56 -9.11
CA GLN A 257 -3.12 7.15 -8.69
C GLN A 257 -1.96 6.53 -9.43
N LYS A 258 -1.89 5.20 -9.43
CA LYS A 258 -0.78 4.53 -10.10
C LYS A 258 -0.72 4.92 -11.57
N ARG A 259 -1.88 4.99 -12.22
CA ARG A 259 -1.89 5.35 -13.63
C ARG A 259 -1.36 6.75 -13.85
N ILE A 260 -1.90 7.71 -13.10
CA ILE A 260 -1.57 9.12 -13.27
C ILE A 260 -0.08 9.36 -13.08
N VAL A 261 0.54 8.75 -12.08
CA VAL A 261 1.98 8.97 -11.96
C VAL A 261 2.70 8.55 -13.24
N GLN A 262 2.20 7.51 -13.93
CA GLN A 262 2.80 7.10 -15.22
C GLN A 262 2.61 8.18 -16.28
N VAL A 263 1.39 8.71 -16.42
CA VAL A 263 1.13 9.73 -17.42
C VAL A 263 2.06 10.92 -17.19
N CYS A 264 2.28 11.28 -15.93
CA CYS A 264 3.15 12.41 -15.64
C CYS A 264 4.59 12.09 -15.98
N ARG A 265 5.07 10.91 -15.60
CA ARG A 265 6.47 10.63 -15.83
C ARG A 265 6.79 10.47 -17.32
N GLN A 266 5.79 10.14 -18.14
CA GLN A 266 5.98 10.14 -19.59
C GLN A 266 6.30 11.55 -20.08
N LEU A 267 5.47 12.51 -19.68
CA LEU A 267 5.57 13.92 -20.07
C LEU A 267 6.63 14.69 -19.28
N GLY A 268 7.23 14.08 -18.25
CA GLY A 268 8.25 14.69 -17.44
C GLY A 268 7.75 15.73 -16.47
N LYS A 269 6.43 15.95 -16.45
CA LYS A 269 5.82 16.93 -15.51
C LYS A 269 5.92 16.37 -14.09
N PRO A 270 6.25 17.20 -13.07
CA PRO A 270 6.29 16.71 -11.70
C PRO A 270 4.91 16.22 -11.24
N VAL A 271 4.88 15.11 -10.50
CA VAL A 271 3.60 14.55 -9.99
C VAL A 271 3.61 14.57 -8.46
N VAL A 272 2.55 15.08 -7.84
CA VAL A 272 2.48 15.18 -6.36
C VAL A 272 1.38 14.24 -5.85
N VAL A 273 1.70 13.36 -4.90
CA VAL A 273 0.66 12.50 -4.28
C VAL A 273 0.28 13.18 -2.96
N ALA A 274 -1.01 13.42 -2.72
CA ALA A 274 -1.38 14.22 -1.53
C ALA A 274 -2.63 13.67 -0.84
N THR A 275 -2.90 14.12 0.40
CA THR A 275 -4.13 13.75 1.16
C THR A 275 -4.04 12.41 1.88
N GLN A 276 -4.18 12.42 3.21
CA GLN A 276 -4.23 11.19 4.02
C GLN A 276 -2.89 10.47 4.00
N MET A 277 -1.81 11.24 3.91
CA MET A 277 -0.50 10.63 3.95
C MET A 277 -0.18 10.09 5.35
N LEU A 278 -0.20 10.96 6.36
CA LEU A 278 0.14 10.45 7.68
C LEU A 278 -0.80 11.01 8.74
N GLU A 279 -2.13 10.93 8.49
CA GLU A 279 -3.05 11.62 9.39
C GLU A 279 -2.88 11.18 10.84
N SER A 280 -2.53 9.92 11.11
CA SER A 280 -2.34 9.45 12.47
C SER A 280 -1.44 10.37 13.29
N MET A 281 -0.53 11.09 12.63
CA MET A 281 0.47 11.93 13.28
C MET A 281 -0.08 13.22 13.87
N ARG A 282 -1.25 13.70 13.41
CA ARG A 282 -1.82 14.91 13.97
C ARG A 282 -1.82 14.84 15.49
N PHE A 283 -2.10 13.66 16.03
CA PHE A 283 -2.25 13.44 17.46
C PHE A 283 -1.28 12.43 18.06
N SER A 284 -0.49 11.77 17.24
CA SER A 284 0.35 10.67 17.69
C SER A 284 1.75 10.85 17.11
N PRO A 285 2.81 10.52 17.87
CA PRO A 285 4.16 10.80 17.41
C PRO A 285 4.71 9.77 16.42
N ALA A 286 3.95 8.73 16.09
CA ALA A 286 4.37 7.69 15.17
C ALA A 286 3.18 7.24 14.34
N PRO A 287 3.41 6.83 13.10
CA PRO A 287 2.31 6.51 12.19
C PRO A 287 1.82 5.08 12.38
N THR A 288 0.74 4.74 11.68
CA THR A 288 0.27 3.37 11.67
C THR A 288 0.94 2.65 10.51
N ARG A 289 1.21 1.36 10.72
CA ARG A 289 1.78 0.47 9.72
C ARG A 289 1.15 0.61 8.35
N ALA A 290 -0.17 0.77 8.34
CA ALA A 290 -0.91 0.94 7.10
C ALA A 290 -0.51 2.23 6.40
N GLU A 291 -0.34 3.32 7.15
CA GLU A 291 0.06 4.59 6.56
C GLU A 291 1.43 4.51 5.92
N VAL A 292 2.42 3.96 6.65
CA VAL A 292 3.77 3.85 6.12
C VAL A 292 3.74 3.11 4.78
N THR A 293 2.89 2.10 4.68
CA THR A 293 2.73 1.39 3.43
C THR A 293 2.10 2.28 2.36
N ASP A 294 1.09 3.06 2.74
CA ASP A 294 0.45 3.95 1.78
C ASP A 294 1.44 4.95 1.21
N VAL A 295 2.30 5.48 2.07
CA VAL A 295 3.34 6.42 1.65
C VAL A 295 4.30 5.73 0.70
N ALA A 296 4.86 4.61 1.15
CA ALA A 296 5.91 3.89 0.44
C ALA A 296 5.46 3.50 -0.96
N THR A 297 4.17 3.22 -1.14
CA THR A 297 3.67 2.97 -2.48
C THR A 297 3.84 4.18 -3.36
N ALA A 298 3.34 5.33 -2.89
CA ALA A 298 3.42 6.57 -3.66
C ALA A 298 4.87 6.91 -4.00
N VAL A 299 5.74 6.93 -2.98
CA VAL A 299 7.16 7.20 -3.20
C VAL A 299 7.73 6.24 -4.22
N GLY A 300 7.37 4.95 -4.10
CA GLY A 300 7.90 3.93 -4.99
C GLY A 300 7.45 4.00 -6.43
N ALA A 301 6.25 4.52 -6.69
CA ALA A 301 5.83 4.66 -8.08
C ALA A 301 6.75 5.59 -8.87
N GLY A 302 7.63 6.30 -8.18
CA GLY A 302 8.51 7.28 -8.77
C GLY A 302 7.96 8.68 -8.74
N ALA A 303 6.96 8.96 -7.92
CA ALA A 303 6.34 10.27 -7.91
C ALA A 303 7.28 11.31 -7.33
N ASP A 304 7.21 12.53 -7.87
CA ASP A 304 8.17 13.59 -7.48
C ASP A 304 7.91 14.12 -6.07
N ALA A 305 6.66 14.40 -5.74
CA ALA A 305 6.42 15.06 -4.42
C ALA A 305 5.32 14.38 -3.59
N VAL A 306 5.45 14.46 -2.26
CA VAL A 306 4.39 13.93 -1.34
C VAL A 306 3.96 15.11 -0.46
N MET A 307 2.65 15.31 -0.28
CA MET A 307 2.19 16.52 0.46
C MET A 307 1.65 16.18 1.85
N LEU A 308 2.14 16.86 2.88
CA LEU A 308 1.60 16.68 4.25
C LEU A 308 0.66 17.85 4.53
N SER A 309 -0.59 17.59 4.94
CA SER A 309 -1.50 18.71 5.13
C SER A 309 -1.78 18.98 6.61
N ALA A 310 -2.66 18.20 7.22
CA ALA A 310 -3.02 18.51 8.60
C ALA A 310 -1.87 18.24 9.53
N GLU A 311 -1.07 17.24 9.20
CA GLU A 311 -0.03 16.76 10.08
C GLU A 311 0.93 17.88 10.44
N THR A 312 1.09 18.85 9.52
CA THR A 312 2.00 19.99 9.75
C THR A 312 1.22 21.29 9.98
N ALA A 313 0.16 21.52 9.19
CA ALA A 313 -0.58 22.80 9.30
C ALA A 313 -1.21 22.97 10.69
N SER A 314 -1.86 21.92 11.21
CA SER A 314 -2.53 21.99 12.53
C SER A 314 -2.36 20.64 13.20
N GLY A 315 -1.35 20.49 14.06
CA GLY A 315 -1.09 19.16 14.59
C GLY A 315 -0.14 19.18 15.74
N GLN A 316 -0.31 18.20 16.62
CA GLN A 316 0.46 18.21 17.86
C GLN A 316 1.92 17.84 17.64
N TYR A 317 2.31 17.31 16.47
CA TYR A 317 3.69 16.91 16.22
C TYR A 317 4.12 17.24 14.79
N PRO A 318 4.10 18.51 14.40
CA PRO A 318 4.31 18.81 12.98
C PRO A 318 5.74 18.59 12.48
N ARG A 319 6.77 18.69 13.32
CA ARG A 319 8.13 18.43 12.79
C ARG A 319 8.36 16.95 12.56
N GLU A 320 8.05 16.12 13.54
CA GLU A 320 8.29 14.68 13.42
C GLU A 320 7.45 14.08 12.29
N ALA A 321 6.32 14.68 11.95
CA ALA A 321 5.60 14.27 10.75
C ALA A 321 6.50 14.33 9.52
N VAL A 322 7.24 15.44 9.36
CA VAL A 322 8.21 15.53 8.26
C VAL A 322 9.37 14.58 8.50
N GLU A 323 9.89 14.53 9.73
CA GLU A 323 11.00 13.62 10.01
C GLU A 323 10.66 12.21 9.53
N MET A 324 9.46 11.73 9.85
CA MET A 324 9.05 10.38 9.43
C MET A 324 8.95 10.28 7.93
N MET A 325 8.16 11.16 7.32
CA MET A 325 8.01 11.17 5.84
C MET A 325 9.38 10.98 5.18
N ALA A 326 10.38 11.78 5.59
CA ALA A 326 11.72 11.71 4.97
C ALA A 326 12.34 10.33 5.22
N LYS A 327 12.18 9.79 6.43
CA LYS A 327 12.75 8.47 6.78
C LYS A 327 12.12 7.40 5.88
N ILE A 328 10.80 7.46 5.67
CA ILE A 328 10.10 6.45 4.83
C ILE A 328 10.66 6.54 3.40
N VAL A 329 10.85 7.76 2.89
CA VAL A 329 11.39 7.95 1.51
C VAL A 329 12.79 7.34 1.46
N ARG A 330 13.61 7.58 2.50
CA ARG A 330 14.99 7.04 2.53
C ARG A 330 14.93 5.51 2.54
N GLN A 331 13.98 4.93 3.29
CA GLN A 331 13.85 3.45 3.36
C GLN A 331 13.51 2.90 1.98
N VAL A 332 12.60 3.55 1.26
CA VAL A 332 12.22 3.09 -0.12
C VAL A 332 13.46 3.20 -1.02
N GLU A 333 14.19 4.31 -0.92
CA GLU A 333 15.41 4.50 -1.75
C GLU A 333 16.46 3.44 -1.36
N ALA A 334 16.58 3.17 -0.07
CA ALA A 334 17.57 2.17 0.41
C ALA A 334 17.34 0.83 -0.29
N GLU A 335 16.07 0.48 -0.55
CA GLU A 335 15.80 -0.85 -1.14
C GLU A 335 16.48 -0.95 -2.52
N PRO A 336 17.27 -2.02 -2.78
CA PRO A 336 17.94 -2.21 -4.08
C PRO A 336 16.93 -2.51 -5.19
N ASP A 337 15.80 -3.13 -4.83
CA ASP A 337 14.71 -3.48 -5.77
C ASP A 337 14.12 -2.19 -6.38
N TYR A 338 14.03 -1.14 -5.56
CA TYR A 338 13.42 0.15 -5.99
C TYR A 338 14.17 0.72 -7.20
N HIS A 339 15.49 0.67 -7.22
CA HIS A 339 16.21 1.24 -8.38
C HIS A 339 15.79 0.48 -9.64
N VAL A 340 15.77 -0.86 -9.55
CA VAL A 340 15.36 -1.70 -10.71
C VAL A 340 13.87 -1.45 -10.99
N GLN A 341 13.07 -1.36 -9.95
CA GLN A 341 11.61 -1.13 -10.02
C GLN A 341 11.30 0.02 -10.99
N LEU A 342 11.86 1.21 -10.73
CA LEU A 342 11.59 2.35 -11.59
C LEU A 342 11.87 2.07 -13.06
N GLU A 343 12.81 1.16 -13.36
CA GLU A 343 13.28 0.97 -14.74
C GLU A 343 12.14 0.68 -15.72
N VAL A 344 11.14 -0.12 -15.32
CA VAL A 344 10.08 -0.51 -16.24
C VAL A 344 9.21 0.69 -16.63
N ASN A 345 8.96 1.58 -15.66
CA ASN A 345 8.11 2.75 -15.89
C ASN A 345 8.77 3.76 -16.83
N ARG A 346 10.09 3.89 -16.78
CA ARG A 346 10.92 4.72 -17.63
C ARG A 346 10.57 4.62 -19.11
N PRO A 347 9.94 5.65 -19.68
CA PRO A 347 9.60 5.60 -21.12
C PRO A 347 10.87 5.69 -21.97
N GLN A 348 10.93 4.83 -22.98
CA GLN A 348 12.06 4.81 -23.91
C GLN A 348 12.20 6.20 -24.55
N PRO A 349 13.42 6.74 -24.65
CA PRO A 349 13.58 8.09 -25.16
C PRO A 349 13.14 8.24 -26.60
N ASP A 350 12.60 9.42 -26.90
CA ASP A 350 12.22 9.80 -28.25
C ASP A 350 13.45 10.28 -29.02
N ALA A 351 13.35 10.20 -30.35
CA ALA A 351 14.50 10.50 -31.21
C ALA A 351 14.81 11.98 -31.24
N THR A 352 15.34 12.51 -30.15
CA THR A 352 15.72 13.91 -30.08
C THR A 352 17.12 13.98 -29.49
N VAL A 353 17.72 15.15 -29.61
CA VAL A 353 19.05 15.32 -29.04
C VAL A 353 18.97 15.29 -27.52
N SER A 354 17.98 15.96 -26.94
CA SER A 354 17.89 16.03 -25.48
C SER A 354 17.64 14.66 -24.87
N ASP A 355 16.88 13.79 -25.56
CA ASP A 355 16.68 12.45 -25.04
C ASP A 355 17.96 11.63 -25.15
N ALA A 356 18.61 11.67 -26.32
CA ALA A 356 19.87 10.96 -26.51
C ALA A 356 20.93 11.37 -25.48
N ILE A 357 21.11 12.66 -25.25
CA ILE A 357 22.07 13.08 -24.22
C ILE A 357 21.73 12.47 -22.88
N SER A 358 20.45 12.52 -22.52
CA SER A 358 20.05 11.91 -21.26
C SER A 358 20.28 10.40 -21.31
N CYS A 359 20.01 9.76 -22.45
CA CYS A 359 20.29 8.33 -22.61
C CYS A 359 21.79 8.04 -22.50
N ALA A 360 22.61 8.77 -23.25
CA ALA A 360 24.06 8.63 -23.13
C ALA A 360 24.50 8.77 -21.68
N ILE A 361 23.86 9.68 -20.96
CA ILE A 361 24.17 9.90 -19.56
C ILE A 361 24.03 8.62 -18.76
N ARG A 362 23.01 7.80 -19.08
CA ARG A 362 22.83 6.54 -18.37
C ARG A 362 24.03 5.63 -18.56
N ARG A 363 24.41 5.35 -19.81
CA ARG A 363 25.55 4.49 -20.07
C ARG A 363 26.78 4.99 -19.32
N VAL A 364 27.12 6.26 -19.50
CA VAL A 364 28.29 6.80 -18.82
C VAL A 364 28.22 6.54 -17.32
N SER A 365 27.01 6.54 -16.77
CA SER A 365 26.83 6.34 -15.34
C SER A 365 27.04 4.89 -14.92
N ARG A 366 26.78 3.93 -15.81
CA ARG A 366 27.07 2.52 -15.51
C ARG A 366 28.57 2.28 -15.55
N ILE A 367 29.26 2.90 -16.53
CA ILE A 367 30.70 2.78 -16.76
C ILE A 367 31.54 3.53 -15.72
N LEU A 368 31.04 4.66 -15.21
CA LEU A 368 31.80 5.49 -14.28
C LEU A 368 30.96 5.86 -13.07
N PRO A 369 31.62 6.01 -11.90
CA PRO A 369 30.93 6.47 -10.69
C PRO A 369 30.66 7.96 -10.69
N VAL A 370 29.55 8.34 -11.31
CA VAL A 370 29.16 9.74 -11.48
C VAL A 370 28.44 10.25 -10.24
N ALA A 371 29.08 11.21 -9.54
CA ALA A 371 28.54 11.72 -8.29
C ALA A 371 27.43 12.75 -8.48
N VAL A 372 27.37 13.49 -9.60
CA VAL A 372 26.39 14.56 -9.82
C VAL A 372 26.13 14.82 -11.29
N LEU A 373 24.87 14.79 -11.74
CA LEU A 373 24.55 15.42 -13.03
C LEU A 373 24.38 16.93 -12.79
N VAL A 374 24.95 17.75 -13.67
CA VAL A 374 24.99 19.19 -13.40
C VAL A 374 24.38 20.02 -14.50
N ASN A 375 23.30 19.55 -15.13
CA ASN A 375 22.67 20.37 -16.16
C ASN A 375 22.42 21.81 -15.74
N TYR A 376 22.71 22.73 -16.66
CA TYR A 376 22.55 24.17 -16.33
C TYR A 376 21.46 24.81 -17.19
N THR A 377 20.46 25.40 -16.53
CA THR A 377 19.44 26.20 -17.20
C THR A 377 18.89 27.40 -16.43
N GLU A 378 18.20 28.23 -17.20
CA GLU A 378 17.37 29.30 -16.70
C GLU A 378 15.89 28.98 -16.81
N SER A 379 15.46 28.29 -17.86
CA SER A 379 14.04 28.07 -18.04
C SER A 379 13.53 26.86 -17.26
N GLY A 380 14.40 26.10 -16.63
CA GLY A 380 14.00 24.94 -15.86
C GLY A 380 13.72 23.72 -16.73
N ASN A 381 13.20 23.97 -17.93
CA ASN A 381 12.65 22.90 -18.77
C ASN A 381 13.67 21.79 -19.06
N SER A 382 14.95 22.12 -19.21
CA SER A 382 15.97 21.09 -19.38
C SER A 382 16.10 20.22 -18.14
N THR A 383 16.28 20.83 -16.97
CA THR A 383 16.41 20.05 -15.73
C THR A 383 15.16 19.21 -15.51
N LEU A 384 13.99 19.67 -15.98
CA LEU A 384 12.82 18.79 -15.97
C LEU A 384 13.05 17.56 -16.82
N ARG A 385 13.63 17.73 -18.01
CA ARG A 385 13.89 16.59 -18.85
C ARG A 385 14.99 15.70 -18.24
N ALA A 386 16.03 16.28 -17.67
CA ALA A 386 17.03 15.47 -16.98
C ALA A 386 16.44 14.68 -15.82
N ALA A 387 15.38 15.19 -15.18
CA ALA A 387 14.78 14.47 -14.07
C ALA A 387 13.85 13.35 -14.54
N ARG A 388 13.26 13.46 -15.74
CA ARG A 388 12.35 12.42 -16.23
C ARG A 388 13.03 11.07 -16.16
N GLU A 389 14.31 11.03 -16.54
CA GLU A 389 15.05 9.78 -16.59
C GLU A 389 15.29 9.14 -15.22
N ARG A 390 15.07 9.86 -14.13
CA ARG A 390 15.28 9.34 -12.78
C ARG A 390 16.67 8.79 -12.48
N PRO A 391 17.73 9.56 -12.70
CA PRO A 391 19.08 9.06 -12.45
C PRO A 391 19.37 8.75 -10.99
N LYS A 392 20.29 7.80 -10.79
CA LYS A 392 20.73 7.46 -9.44
C LYS A 392 21.61 8.55 -8.86
N ALA A 393 22.28 9.32 -9.73
CA ALA A 393 23.05 10.47 -9.27
C ALA A 393 22.14 11.69 -9.06
N PRO A 394 22.41 12.51 -8.03
CA PRO A 394 21.57 13.69 -7.80
C PRO A 394 21.84 14.76 -8.84
N ILE A 395 20.77 15.43 -9.28
CA ILE A 395 20.94 16.58 -10.15
C ILE A 395 21.30 17.80 -9.31
N LEU A 396 22.26 18.60 -9.78
CA LEU A 396 22.63 19.90 -9.21
C LEU A 396 22.32 20.93 -10.27
N SER A 397 21.10 21.47 -10.25
CA SER A 397 20.72 22.42 -11.29
C SER A 397 21.30 23.79 -10.95
N LEU A 398 21.97 24.39 -11.94
CA LEU A 398 22.57 25.71 -11.83
C LEU A 398 21.70 26.71 -12.55
N THR A 399 21.48 27.85 -11.89
CA THR A 399 20.42 28.79 -12.18
C THR A 399 20.92 30.23 -12.24
N PRO A 400 20.65 30.91 -13.31
CA PRO A 400 20.85 32.34 -13.39
C PRO A 400 19.59 33.08 -12.98
N ASN A 401 18.72 32.40 -12.22
CA ASN A 401 17.39 32.98 -11.88
C ASN A 401 16.75 32.27 -10.68
N LEU A 402 16.34 33.06 -9.67
CA LEU A 402 15.66 32.57 -8.44
C LEU A 402 14.29 31.98 -8.74
N ARG A 403 13.52 32.59 -9.66
CA ARG A 403 12.13 32.11 -9.91
C ARG A 403 12.15 30.65 -10.35
N THR A 404 13.04 30.28 -11.27
CA THR A 404 13.10 28.88 -11.74
C THR A 404 13.55 27.95 -10.60
N ALA A 405 14.51 28.40 -9.79
CA ALA A 405 15.03 27.55 -8.70
C ALA A 405 13.90 27.19 -7.74
N ARG A 406 13.08 28.17 -7.36
CA ARG A 406 11.98 27.91 -6.39
C ARG A 406 10.98 26.93 -7.01
N ARG A 407 10.69 27.08 -8.31
CA ARG A 407 9.80 26.12 -9.01
C ARG A 407 10.46 24.74 -9.07
N LEU A 408 11.77 24.69 -9.32
CA LEU A 408 12.49 23.39 -9.48
C LEU A 408 12.51 22.62 -8.15
N THR A 409 12.08 23.26 -7.06
CA THR A 409 12.16 22.60 -5.74
C THR A 409 11.14 21.45 -5.69
N VAL A 410 10.04 21.55 -6.45
CA VAL A 410 9.06 20.42 -6.54
C VAL A 410 9.68 19.25 -7.31
N ALA A 411 10.51 19.52 -8.33
CA ALA A 411 11.05 18.47 -9.21
C ALA A 411 11.77 17.32 -8.49
N TRP A 412 11.66 16.10 -9.03
CA TRP A 412 12.27 14.90 -8.49
C TRP A 412 13.80 15.08 -8.36
N GLY A 413 14.32 14.81 -7.17
CA GLY A 413 15.76 14.83 -6.98
C GLY A 413 16.62 15.99 -7.49
N VAL A 414 15.96 17.10 -7.81
CA VAL A 414 16.67 18.29 -8.35
C VAL A 414 17.03 19.23 -7.20
N TYR A 415 18.32 19.52 -7.03
CA TYR A 415 18.73 20.51 -6.00
C TYR A 415 19.23 21.75 -6.74
N SER A 416 18.63 22.90 -6.50
CA SER A 416 19.00 24.11 -7.30
C SER A 416 19.96 25.01 -6.52
N VAL A 417 20.92 25.61 -7.22
CA VAL A 417 21.86 26.58 -6.57
C VAL A 417 21.84 27.85 -7.43
N VAL A 418 21.84 29.04 -6.81
CA VAL A 418 21.72 30.31 -7.60
C VAL A 418 23.01 31.12 -7.57
N ASN A 419 23.43 31.59 -8.75
CA ASN A 419 24.64 32.44 -8.91
C ASN A 419 24.47 33.32 -10.16
N GLU A 420 25.34 34.31 -10.34
CA GLU A 420 25.30 35.19 -11.49
C GLU A 420 25.56 34.37 -12.75
N GLN A 421 24.80 34.63 -13.82
CA GLN A 421 25.04 33.87 -15.05
C GLN A 421 26.46 34.12 -15.53
N LEU A 422 27.15 33.03 -15.91
CA LEU A 422 28.50 33.12 -16.46
C LEU A 422 28.54 32.92 -17.97
N ALA A 423 27.47 32.39 -18.56
CA ALA A 423 27.19 32.41 -20.00
C ALA A 423 28.03 31.50 -20.88
N HIS A 424 28.88 30.63 -20.33
CA HIS A 424 29.70 29.81 -21.23
C HIS A 424 30.00 28.43 -20.64
N VAL A 425 29.70 27.40 -21.44
CA VAL A 425 29.77 26.00 -20.98
C VAL A 425 31.20 25.59 -20.63
N ASP A 426 32.17 25.84 -21.51
CA ASP A 426 33.53 25.40 -21.27
C ASP A 426 34.17 26.18 -20.12
N GLU A 427 33.80 27.46 -19.97
CA GLU A 427 34.21 28.25 -18.82
C GLU A 427 33.58 27.74 -17.52
N ILE A 428 32.27 27.44 -17.53
CA ILE A 428 31.57 27.10 -16.30
C ILE A 428 31.98 25.74 -15.74
N CYS A 429 32.79 25.00 -16.49
CA CYS A 429 33.27 23.70 -16.00
C CYS A 429 33.80 23.81 -14.58
N SER A 430 34.81 24.67 -14.37
CA SER A 430 35.32 24.87 -13.02
C SER A 430 34.22 25.32 -12.06
N THR A 431 33.43 26.32 -12.47
CA THR A 431 32.37 26.83 -11.61
C THR A 431 31.43 25.72 -11.17
N ALA A 432 30.85 25.00 -12.14
CA ALA A 432 29.97 23.89 -11.81
C ALA A 432 30.67 22.90 -10.89
N LEU A 433 31.92 22.62 -11.17
CA LEU A 433 32.70 21.72 -10.33
C LEU A 433 32.91 22.30 -8.94
N ASP A 434 33.39 23.54 -8.85
CA ASP A 434 33.60 24.21 -7.56
C ASP A 434 32.30 24.30 -6.77
N ILE A 435 31.20 24.67 -7.44
CA ILE A 435 29.87 24.70 -6.82
C ILE A 435 29.59 23.37 -6.12
N ALA A 436 30.01 22.27 -6.73
CA ALA A 436 29.79 20.97 -6.15
C ALA A 436 30.56 20.82 -4.83
N LEU A 437 31.85 21.18 -4.82
CA LEU A 437 32.54 21.18 -3.54
C LEU A 437 31.95 22.24 -2.63
N ALA A 438 31.43 23.33 -3.23
CA ALA A 438 30.74 24.35 -2.44
C ALA A 438 29.48 23.77 -1.79
N GLN A 439 28.57 23.22 -2.59
CA GLN A 439 27.42 22.60 -1.96
C GLN A 439 27.79 21.29 -1.26
N ARG A 440 29.08 20.91 -1.27
CA ARG A 440 29.59 19.77 -0.50
C ARG A 440 28.97 18.45 -0.98
N MET A 441 28.86 18.32 -2.31
CA MET A 441 28.24 17.18 -2.98
C MET A 441 29.24 16.12 -3.44
N ALA A 442 30.41 16.55 -3.99
CA ALA A 442 31.45 15.65 -4.50
C ALA A 442 32.79 15.82 -3.77
N ARG A 443 33.45 14.69 -3.49
CA ARG A 443 34.78 14.62 -2.88
C ARG A 443 35.87 14.80 -3.94
N ARG A 444 37.09 15.14 -3.48
CA ARG A 444 38.21 15.32 -4.41
C ARG A 444 38.58 13.97 -5.03
N GLY A 445 38.31 13.84 -6.32
CA GLY A 445 38.54 12.62 -7.07
C GLY A 445 37.27 11.97 -7.61
N ASP A 446 36.10 12.54 -7.41
CA ASP A 446 34.93 11.93 -8.01
C ASP A 446 34.75 12.55 -9.39
N THR A 447 33.96 11.91 -10.23
CA THR A 447 33.74 12.45 -11.56
C THR A 447 32.31 12.98 -11.66
N VAL A 448 32.16 14.10 -12.33
CA VAL A 448 30.89 14.81 -12.45
C VAL A 448 30.56 14.95 -13.93
N VAL A 449 29.30 15.26 -14.22
CA VAL A 449 28.84 15.38 -15.59
C VAL A 449 28.11 16.70 -15.77
N VAL A 450 28.45 17.44 -16.81
CA VAL A 450 27.82 18.71 -17.05
C VAL A 450 27.12 18.66 -18.40
N THR A 451 25.94 19.27 -18.48
CA THR A 451 25.19 19.32 -19.73
C THR A 451 24.55 20.68 -19.81
N ALA A 452 24.43 21.22 -21.02
CA ALA A 452 23.84 22.55 -21.17
C ALA A 452 23.45 22.77 -22.63
N GLY A 453 22.83 23.93 -22.89
CA GLY A 453 22.48 24.30 -24.25
C GLY A 453 23.73 24.56 -25.07
N VAL A 454 23.63 24.32 -26.37
CA VAL A 454 24.82 24.35 -27.20
C VAL A 454 25.35 25.78 -27.31
N PRO A 455 24.55 26.79 -27.76
CA PRO A 455 25.14 28.11 -27.96
C PRO A 455 24.98 28.98 -26.72
N PHE A 456 24.65 28.38 -25.58
CA PHE A 456 24.09 29.10 -24.42
C PHE A 456 23.11 30.17 -24.89
N GLY A 457 22.08 29.70 -25.58
CA GLY A 457 21.04 30.57 -26.05
C GLY A 457 19.70 29.89 -25.87
N ARG A 458 18.67 30.56 -26.32
CA ARG A 458 17.32 30.03 -26.36
C ARG A 458 17.10 28.88 -27.34
N PRO A 459 18.00 28.57 -28.28
CA PRO A 459 17.85 27.29 -28.99
C PRO A 459 17.76 26.16 -27.97
N GLY A 460 16.96 25.14 -28.31
CA GLY A 460 16.48 24.23 -27.30
C GLY A 460 17.20 22.89 -27.23
N SER A 461 16.94 22.21 -26.12
CA SER A 461 17.26 20.81 -25.81
C SER A 461 18.62 20.51 -25.17
N THR A 462 19.46 21.48 -24.81
CA THR A 462 20.69 21.15 -24.06
C THR A 462 21.45 19.92 -24.55
N ASN A 463 22.13 20.02 -25.68
CA ASN A 463 22.67 18.88 -26.43
C ASN A 463 24.17 18.57 -26.26
N MET A 464 24.83 18.97 -25.19
CA MET A 464 26.23 18.58 -25.09
C MET A 464 26.41 18.03 -23.69
N LEU A 465 27.37 17.14 -23.52
CA LEU A 465 27.69 16.63 -22.18
C LEU A 465 29.19 16.59 -22.05
N ARG A 466 29.68 16.61 -20.81
CA ARG A 466 31.15 16.62 -20.65
C ARG A 466 31.54 16.05 -19.29
N ILE A 467 32.34 14.98 -19.29
CA ILE A 467 32.78 14.39 -18.05
C ILE A 467 33.98 15.19 -17.56
N GLU A 468 34.08 15.34 -16.26
CA GLU A 468 35.18 16.04 -15.65
C GLU A 468 35.51 15.31 -14.37
N THR A 469 36.78 15.28 -14.00
CA THR A 469 37.20 14.71 -12.73
C THR A 469 37.75 15.81 -11.84
N VAL A 470 37.45 15.73 -10.54
CA VAL A 470 37.92 16.71 -9.57
C VAL A 470 39.30 16.25 -9.11
N ALA A 471 40.33 16.71 -9.81
CA ALA A 471 41.69 16.36 -9.44
C ALA A 471 42.05 17.11 -8.14
N PRO A 472 43.10 16.66 -7.43
CA PRO A 472 43.32 17.16 -6.06
C PRO A 472 43.53 18.65 -6.01
N PRO A 473 42.67 19.40 -5.28
CA PRO A 473 43.01 20.80 -5.00
C PRO A 473 44.06 20.78 -3.89
N LEU A 474 45.27 20.35 -4.27
CA LEU A 474 46.46 20.35 -3.40
C LEU A 474 46.52 21.64 -2.57
N MET B 1 -16.17 -25.97 -11.21
CA MET B 1 -15.03 -25.27 -10.57
C MET B 1 -14.81 -23.93 -11.28
N THR B 2 -14.34 -22.91 -10.55
CA THR B 2 -14.09 -21.58 -11.15
C THR B 2 -12.66 -21.12 -10.83
N ALA B 3 -11.89 -20.74 -11.84
CA ALA B 3 -10.52 -20.22 -11.61
C ALA B 3 -10.37 -18.86 -12.30
N ASP B 4 -10.24 -17.78 -11.52
CA ASP B 4 -10.16 -16.42 -12.08
C ASP B 4 -8.97 -15.68 -11.46
N LYS B 5 -8.73 -15.89 -10.16
CA LYS B 5 -7.64 -15.17 -9.46
C LYS B 5 -6.56 -16.15 -9.00
N LYS B 6 -5.31 -15.88 -9.36
CA LYS B 6 -4.19 -16.73 -8.90
C LYS B 6 -4.06 -16.64 -7.37
N ALA B 7 -4.22 -15.42 -6.83
CA ALA B 7 -4.13 -15.23 -5.36
C ALA B 7 -5.31 -15.95 -4.69
N LYS B 8 -5.05 -16.57 -3.53
CA LYS B 8 -6.11 -17.35 -2.83
C LYS B 8 -6.60 -16.56 -1.61
N ILE B 9 -7.79 -16.91 -1.10
CA ILE B 9 -8.35 -16.20 0.08
C ILE B 9 -8.56 -17.20 1.22
N LEU B 10 -8.05 -16.88 2.42
CA LEU B 10 -8.27 -17.75 3.60
C LEU B 10 -9.27 -17.06 4.53
N ALA B 11 -10.50 -17.56 4.60
CA ALA B 11 -11.52 -16.89 5.41
C ALA B 11 -11.66 -17.56 6.79
N THR B 12 -11.85 -16.73 7.81
CA THR B 12 -12.00 -17.23 9.16
C THR B 12 -13.48 -17.33 9.46
N LEU B 13 -13.89 -18.45 10.05
CA LEU B 13 -15.26 -18.75 10.38
C LEU B 13 -15.54 -18.38 11.82
N GLY B 14 -16.82 -18.15 12.09
CA GLY B 14 -17.22 -17.81 13.42
C GLY B 14 -18.70 -17.51 13.56
N PRO B 15 -19.03 -16.83 14.63
CA PRO B 15 -20.41 -16.44 14.88
C PRO B 15 -21.18 -15.95 13.66
N ALA B 16 -20.64 -14.94 12.96
CA ALA B 16 -21.36 -14.38 11.79
C ALA B 16 -21.71 -15.48 10.77
N THR B 17 -21.16 -16.68 10.96
CA THR B 17 -21.49 -17.81 10.05
C THR B 17 -22.51 -18.69 10.78
N ARG B 18 -23.76 -18.70 10.33
CA ARG B 18 -24.81 -19.47 11.05
C ARG B 18 -25.42 -20.54 10.16
N SER B 19 -24.96 -20.69 8.92
CA SER B 19 -25.56 -21.75 8.05
C SER B 19 -24.54 -22.29 7.05
N ARG B 20 -24.80 -23.49 6.54
CA ARG B 20 -23.93 -24.12 5.52
C ARG B 20 -23.97 -23.25 4.26
N ASP B 21 -25.15 -22.78 3.90
CA ASP B 21 -25.33 -21.90 2.72
C ASP B 21 -24.38 -20.70 2.84
N ASP B 22 -24.26 -20.14 4.05
CA ASP B 22 -23.36 -18.96 4.23
C ASP B 22 -21.94 -19.36 3.82
N ILE B 23 -21.49 -20.56 4.23
CA ILE B 23 -20.13 -21.05 3.85
C ILE B 23 -20.08 -21.21 2.33
N ARG B 24 -21.16 -21.71 1.72
CA ARG B 24 -21.20 -21.88 0.25
C ARG B 24 -21.07 -20.52 -0.41
N ALA B 25 -21.74 -19.49 0.14
CA ALA B 25 -21.67 -18.14 -0.43
C ALA B 25 -20.22 -17.65 -0.34
N LEU B 26 -19.56 -17.90 0.80
CA LEU B 26 -18.15 -17.49 0.97
C LEU B 26 -17.31 -18.17 -0.11
N VAL B 27 -17.32 -19.49 -0.16
CA VAL B 27 -16.51 -20.20 -1.15
C VAL B 27 -16.86 -19.75 -2.56
N GLU B 28 -18.13 -19.50 -2.83
CA GLU B 28 -18.52 -19.03 -4.16
C GLU B 28 -18.10 -17.59 -4.41
N ALA B 29 -17.84 -16.81 -3.36
CA ALA B 29 -17.30 -15.46 -3.49
C ALA B 29 -15.78 -15.42 -3.55
N GLY B 30 -15.09 -16.55 -3.44
CA GLY B 30 -13.67 -16.50 -3.66
C GLY B 30 -12.86 -17.20 -2.58
N ALA B 31 -13.51 -17.61 -1.50
CA ALA B 31 -12.81 -18.32 -0.43
C ALA B 31 -12.23 -19.63 -0.93
N ASN B 32 -11.08 -19.99 -0.42
CA ASN B 32 -10.38 -21.17 -0.86
C ASN B 32 -10.08 -22.12 0.27
N LEU B 33 -9.79 -21.55 1.42
CA LEU B 33 -9.65 -22.25 2.69
C LEU B 33 -10.58 -21.65 3.72
N LEU B 34 -10.73 -22.35 4.84
CA LEU B 34 -11.44 -21.76 5.94
C LEU B 34 -10.65 -21.98 7.22
N ARG B 35 -10.67 -20.97 8.08
CA ARG B 35 -9.84 -20.93 9.26
C ARG B 35 -10.75 -21.17 10.46
N LEU B 36 -10.38 -22.18 11.29
CA LEU B 36 -11.05 -22.42 12.56
C LEU B 36 -10.13 -21.93 13.65
N ASN B 37 -10.58 -20.91 14.35
CA ASN B 37 -9.81 -20.25 15.39
C ASN B 37 -10.12 -20.91 16.71
N PHE B 38 -9.20 -21.71 17.23
CA PHE B 38 -9.51 -22.46 18.44
C PHE B 38 -9.39 -21.65 19.71
N SER B 39 -8.99 -20.37 19.62
CA SER B 39 -8.91 -19.52 20.80
C SER B 39 -10.25 -18.96 21.26
N HIS B 40 -11.28 -19.04 20.44
CA HIS B 40 -12.55 -18.42 20.75
C HIS B 40 -13.75 -19.34 20.81
N GLY B 41 -13.77 -20.42 20.05
CA GLY B 41 -14.90 -21.32 20.10
C GLY B 41 -14.72 -22.45 21.10
N ASP B 42 -15.77 -23.28 21.19
CA ASP B 42 -15.69 -24.56 21.90
C ASP B 42 -15.99 -25.68 20.91
N TYR B 43 -15.50 -26.89 21.25
CA TYR B 43 -15.33 -27.95 20.25
C TYR B 43 -16.61 -28.28 19.51
N ALA B 44 -17.77 -28.12 20.15
CA ALA B 44 -19.01 -28.47 19.48
C ALA B 44 -19.26 -27.58 18.28
N ASP B 45 -18.91 -26.31 18.41
CA ASP B 45 -19.02 -25.34 17.31
C ASP B 45 -18.04 -25.65 16.19
N HIS B 46 -16.78 -25.89 16.54
CA HIS B 46 -15.81 -26.26 15.52
C HIS B 46 -16.28 -27.47 14.72
N ALA B 47 -16.61 -28.55 15.44
CA ALA B 47 -17.09 -29.81 14.82
C ALA B 47 -18.22 -29.52 13.84
N GLN B 48 -19.23 -28.77 14.27
CA GLN B 48 -20.38 -28.44 13.38
C GLN B 48 -19.88 -27.61 12.19
N ARG B 49 -19.06 -26.59 12.45
CA ARG B 49 -18.54 -25.71 11.38
C ARG B 49 -17.66 -26.51 10.41
N PHE B 50 -16.76 -27.33 10.95
CA PHE B 50 -15.86 -28.15 10.10
C PHE B 50 -16.72 -29.05 9.21
N ALA B 51 -17.76 -29.64 9.80
CA ALA B 51 -18.67 -30.55 9.06
C ALA B 51 -19.36 -29.77 7.94
N TRP B 52 -19.77 -28.53 8.21
CA TRP B 52 -20.47 -27.71 7.20
C TRP B 52 -19.57 -27.53 5.98
N VAL B 53 -18.28 -27.25 6.21
CA VAL B 53 -17.34 -27.01 5.07
C VAL B 53 -17.24 -28.28 4.22
N ARG B 54 -17.12 -29.44 4.86
CA ARG B 54 -17.00 -30.71 4.12
C ARG B 54 -18.27 -30.95 3.31
N GLU B 55 -19.43 -30.68 3.90
CA GLU B 55 -20.72 -30.89 3.18
C GLU B 55 -20.75 -29.97 1.95
N VAL B 56 -20.31 -28.71 2.12
CA VAL B 56 -20.28 -27.74 1.00
C VAL B 56 -19.30 -28.24 -0.06
N GLU B 57 -18.17 -28.80 0.38
CA GLU B 57 -17.14 -29.29 -0.57
C GLU B 57 -17.74 -30.39 -1.45
N ALA B 58 -18.53 -31.29 -0.85
CA ALA B 58 -19.17 -32.38 -1.63
C ALA B 58 -20.12 -31.76 -2.65
N GLU B 59 -20.87 -30.73 -2.25
CA GLU B 59 -21.84 -30.05 -3.15
C GLU B 59 -21.07 -29.42 -4.31
N LEU B 60 -19.92 -28.80 -4.02
CA LEU B 60 -19.15 -28.07 -5.05
C LEU B 60 -18.08 -28.94 -5.73
N ASN B 61 -17.87 -30.18 -5.25
CA ASN B 61 -16.93 -31.12 -5.83
C ASN B 61 -15.48 -30.62 -5.93
N TYR B 62 -15.18 -29.38 -5.48
CA TYR B 62 -13.75 -29.08 -5.59
C TYR B 62 -13.12 -28.90 -4.22
N PRO B 63 -11.90 -29.41 -4.04
CA PRO B 63 -11.29 -29.47 -2.71
C PRO B 63 -11.32 -28.11 -2.02
N ILE B 64 -11.52 -28.16 -0.71
CA ILE B 64 -11.47 -26.99 0.14
C ILE B 64 -10.68 -27.35 1.37
N GLY B 65 -9.63 -26.65 1.62
CA GLY B 65 -8.92 -26.95 2.81
C GLY B 65 -9.53 -26.23 3.99
N VAL B 66 -9.20 -26.73 5.15
CA VAL B 66 -9.64 -26.13 6.41
C VAL B 66 -8.42 -26.03 7.31
N LEU B 67 -8.17 -24.83 7.81
CA LEU B 67 -6.99 -24.54 8.62
C LEU B 67 -7.42 -24.37 10.06
N MET B 68 -6.63 -24.94 10.96
CA MET B 68 -6.96 -24.88 12.37
C MET B 68 -5.87 -24.06 13.06
N ASP B 69 -6.28 -23.00 13.76
CA ASP B 69 -5.34 -21.99 14.25
C ASP B 69 -5.16 -22.16 15.75
N LEU B 70 -4.03 -22.70 16.20
CA LEU B 70 -3.83 -22.88 17.64
C LEU B 70 -3.54 -21.54 18.31
N GLN B 71 -4.21 -21.31 19.43
CA GLN B 71 -3.92 -20.16 20.27
C GLN B 71 -2.59 -20.40 20.96
N GLY B 72 -1.63 -19.52 20.77
CA GLY B 72 -0.38 -19.74 21.44
C GLY B 72 -0.59 -19.68 22.95
N PRO B 73 0.48 -19.81 23.73
CA PRO B 73 0.38 -19.43 25.15
C PRO B 73 0.16 -17.93 25.26
N LYS B 74 -0.78 -17.51 26.10
CA LYS B 74 -1.08 -16.09 26.26
C LYS B 74 -0.69 -15.60 27.64
N LEU B 75 0.15 -14.54 27.66
CA LEU B 75 0.80 -14.00 28.85
C LEU B 75 0.13 -12.71 29.29
N ARG B 76 -0.56 -12.76 30.42
CA ARG B 76 -1.24 -11.59 30.91
C ARG B 76 -0.93 -11.36 32.37
N VAL B 77 -1.22 -10.15 32.82
CA VAL B 77 -1.00 -9.70 34.20
C VAL B 77 -2.25 -9.99 35.03
N GLY B 78 -2.13 -9.92 36.36
CA GLY B 78 -3.24 -10.19 37.24
C GLY B 78 -4.27 -9.07 37.30
N ARG B 79 -5.09 -9.11 38.35
CA ARG B 79 -6.10 -8.11 38.63
C ARG B 79 -5.66 -7.24 39.81
N PHE B 80 -6.18 -6.03 39.84
CA PHE B 80 -5.98 -5.07 40.92
C PHE B 80 -7.32 -4.81 41.57
N ALA B 81 -7.32 -4.71 42.90
CA ALA B 81 -8.55 -4.33 43.60
C ALA B 81 -9.12 -3.02 43.02
N ALA B 82 -8.26 -2.02 42.81
CA ALA B 82 -8.67 -0.79 42.14
C ALA B 82 -9.31 -1.07 40.79
N GLY B 83 -8.81 -2.06 40.06
CA GLY B 83 -9.34 -2.36 38.74
C GLY B 83 -8.56 -1.70 37.63
N ALA B 84 -8.45 -0.36 37.68
CA ALA B 84 -7.68 0.43 36.72
C ALA B 84 -6.69 1.32 37.48
N VAL B 85 -5.40 0.97 37.41
CA VAL B 85 -4.33 1.75 38.01
C VAL B 85 -3.83 2.75 36.99
N GLN B 86 -3.46 3.96 37.47
CA GLN B 86 -3.13 5.01 36.51
C GLN B 86 -1.69 4.95 36.02
N LEU B 87 -0.73 4.58 36.87
CA LEU B 87 0.65 4.33 36.45
C LEU B 87 1.29 5.56 35.78
N GLN B 88 1.67 6.51 36.63
CA GLN B 88 2.28 7.76 36.18
C GLN B 88 3.67 7.50 35.62
N ARG B 89 4.01 8.28 34.60
CA ARG B 89 5.24 8.08 33.83
C ARG B 89 6.48 8.31 34.70
N GLY B 90 7.55 7.61 34.38
CA GLY B 90 8.81 7.70 35.10
C GLY B 90 8.68 7.33 36.56
N GLN B 91 7.69 6.50 36.91
CA GLN B 91 7.41 6.13 38.29
C GLN B 91 7.67 4.65 38.50
N THR B 92 8.23 4.32 39.65
CA THR B 92 8.62 2.94 39.88
C THR B 92 7.37 2.10 40.12
N PHE B 93 7.35 0.93 39.46
CA PHE B 93 6.27 -0.03 39.46
C PHE B 93 6.87 -1.41 39.38
N THR B 94 6.27 -2.38 40.08
CA THR B 94 6.81 -3.73 40.15
C THR B 94 5.74 -4.74 39.80
N LEU B 95 6.20 -5.93 39.39
CA LEU B 95 5.36 -7.07 39.06
C LEU B 95 5.81 -8.24 39.90
N ASP B 96 4.85 -8.85 40.61
CA ASP B 96 5.11 -9.79 41.68
C ASP B 96 5.05 -11.21 41.16
N LEU B 97 5.62 -12.12 41.94
CA LEU B 97 5.18 -13.49 41.88
C LEU B 97 4.02 -13.70 42.84
N SER B 98 4.04 -12.97 43.95
CA SER B 98 3.06 -13.15 45.02
C SER B 98 1.66 -12.88 44.51
N ASP B 99 0.74 -13.75 44.93
CA ASP B 99 -0.68 -13.82 44.59
C ASP B 99 -1.50 -12.71 45.27
N ALA B 100 -0.78 -11.73 45.77
CA ALA B 100 -1.38 -10.55 46.35
C ALA B 100 -2.04 -9.74 45.24
N PRO B 101 -3.36 -9.57 45.27
CA PRO B 101 -4.03 -8.74 44.27
C PRO B 101 -3.37 -7.37 44.15
N GLY B 102 -3.23 -6.93 42.90
CA GLY B 102 -2.52 -5.73 42.52
C GLY B 102 -2.82 -4.39 43.15
N ASP B 103 -1.76 -3.65 43.49
CA ASP B 103 -1.79 -2.33 44.08
C ASP B 103 -1.57 -1.29 42.98
N GLU B 104 -1.38 -0.03 43.36
CA GLU B 104 -1.05 0.96 42.35
C GLU B 104 0.41 0.89 41.96
N ARG B 105 1.18 0.02 42.63
CA ARG B 105 2.58 -0.23 42.31
C ARG B 105 2.97 -1.71 42.27
N ARG B 106 2.12 -2.65 42.68
CA ARG B 106 2.53 -4.06 42.71
C ARG B 106 1.36 -4.93 42.27
N VAL B 107 1.50 -5.53 41.08
CA VAL B 107 0.62 -6.57 40.57
C VAL B 107 1.48 -7.75 40.20
N ASN B 108 0.90 -8.93 40.19
CA ASN B 108 1.66 -10.10 39.77
C ASN B 108 1.18 -10.59 38.41
N LEU B 109 2.07 -11.32 37.76
CA LEU B 109 1.76 -12.07 36.54
C LEU B 109 2.25 -13.48 36.79
N PRO B 110 1.37 -14.47 36.81
CA PRO B 110 1.77 -15.81 37.26
C PRO B 110 3.05 -16.35 36.63
N HIS B 111 3.29 -16.04 35.37
CA HIS B 111 4.36 -16.67 34.59
C HIS B 111 5.79 -16.44 35.04
N PRO B 112 6.46 -17.44 35.63
CA PRO B 112 7.84 -17.22 36.08
C PRO B 112 8.82 -17.30 34.94
N GLU B 113 8.39 -17.82 33.78
CA GLU B 113 9.30 -17.92 32.64
C GLU B 113 9.70 -16.54 32.12
N ILE B 114 8.89 -15.51 32.39
CA ILE B 114 9.29 -14.15 32.08
C ILE B 114 10.37 -13.64 33.03
N ILE B 115 10.11 -13.71 34.35
CA ILE B 115 11.04 -13.08 35.29
C ILE B 115 12.44 -13.67 35.09
N HIS B 116 12.55 -14.98 34.86
CA HIS B 116 13.84 -15.60 34.72
C HIS B 116 14.58 -15.17 33.44
N ALA B 117 13.87 -14.92 32.34
CA ALA B 117 14.54 -14.56 31.10
C ALA B 117 14.62 -13.06 30.88
N LEU B 118 14.18 -12.25 31.84
CA LEU B 118 14.29 -10.80 31.76
C LEU B 118 15.59 -10.30 32.39
N GLU B 119 16.38 -9.55 31.59
CA GLU B 119 17.60 -8.90 32.02
C GLU B 119 17.32 -7.39 32.15
N PRO B 120 18.03 -6.67 33.05
CA PRO B 120 17.81 -5.23 33.20
C PRO B 120 18.02 -4.42 31.92
N GLY B 121 17.24 -3.33 31.82
CA GLY B 121 17.24 -2.51 30.62
C GLY B 121 16.55 -3.14 29.45
N MET B 122 15.59 -4.03 29.70
CA MET B 122 14.71 -4.63 28.71
C MET B 122 13.31 -4.04 28.86
N SER B 123 12.62 -3.94 27.75
CA SER B 123 11.27 -3.40 27.74
C SER B 123 10.22 -4.49 28.01
N LEU B 124 9.08 -4.07 28.57
CA LEU B 124 7.88 -4.89 28.76
C LEU B 124 6.70 -4.11 28.27
N LEU B 125 5.93 -4.69 27.38
CA LEU B 125 4.83 -3.96 26.76
C LEU B 125 3.52 -4.51 27.31
N LEU B 126 2.64 -3.62 27.73
CA LEU B 126 1.37 -4.06 28.26
C LEU B 126 0.28 -3.44 27.41
N ASP B 127 -0.89 -4.10 27.38
CA ASP B 127 -2.06 -3.62 26.65
C ASP B 127 -1.71 -3.22 25.19
N ASP B 128 -1.08 -4.14 24.46
CA ASP B 128 -0.67 -3.92 23.07
C ASP B 128 0.27 -2.72 22.91
N GLY B 129 1.25 -2.62 23.81
CA GLY B 129 2.21 -1.54 23.73
C GLY B 129 1.75 -0.20 24.27
N LYS B 130 0.53 -0.12 24.83
CA LYS B 130 0.09 1.12 25.45
C LYS B 130 1.03 1.52 26.60
N ILE B 131 1.38 0.56 27.44
CA ILE B 131 2.29 0.79 28.55
C ILE B 131 3.66 0.25 28.17
N ARG B 132 4.71 1.05 28.38
CA ARG B 132 6.09 0.61 28.20
C ARG B 132 6.78 0.65 29.55
N LEU B 133 7.41 -0.44 29.94
CA LEU B 133 8.17 -0.48 31.17
C LEU B 133 9.63 -0.76 30.85
N GLU B 134 10.53 -0.13 31.58
CA GLU B 134 11.94 -0.43 31.48
C GLU B 134 12.33 -1.24 32.70
N VAL B 135 13.10 -2.30 32.49
CA VAL B 135 13.53 -3.13 33.62
C VAL B 135 14.67 -2.42 34.34
N VAL B 136 14.43 -2.10 35.61
CA VAL B 136 15.43 -1.44 36.45
C VAL B 136 16.28 -2.45 37.20
N ASN B 137 15.64 -3.47 37.77
CA ASN B 137 16.35 -4.50 38.50
C ASN B 137 15.48 -5.75 38.55
N CYS B 138 16.15 -6.90 38.57
CA CYS B 138 15.49 -8.19 38.51
C CYS B 138 15.70 -8.93 39.81
N HIS B 139 14.68 -9.67 40.22
CA HIS B 139 14.81 -10.61 41.31
C HIS B 139 14.03 -11.87 40.94
N SER B 140 14.22 -12.91 41.76
CA SER B 140 13.47 -14.15 41.56
C SER B 140 11.99 -13.97 41.89
N ASP B 141 11.67 -13.15 42.90
CA ASP B 141 10.27 -13.03 43.32
C ASP B 141 9.52 -12.01 42.49
N ALA B 142 10.20 -11.02 41.93
CA ALA B 142 9.52 -9.93 41.25
C ALA B 142 10.52 -9.22 40.36
N ILE B 143 9.99 -8.36 39.47
CA ILE B 143 10.81 -7.57 38.58
C ILE B 143 10.40 -6.11 38.77
N GLU B 144 11.36 -5.28 39.17
CA GLU B 144 11.16 -3.85 39.39
C GLU B 144 11.35 -3.07 38.10
N THR B 145 10.40 -2.19 37.77
CA THR B 145 10.46 -1.45 36.52
C THR B 145 10.17 0.03 36.75
N ARG B 146 10.50 0.83 35.74
CA ARG B 146 10.16 2.26 35.71
C ARG B 146 9.23 2.47 34.53
N VAL B 147 8.11 3.14 34.78
CA VAL B 147 7.15 3.41 33.72
C VAL B 147 7.78 4.34 32.69
N ALA B 148 7.94 3.86 31.47
CA ALA B 148 8.41 4.69 30.36
C ALA B 148 7.27 5.27 29.56
N VAL B 149 6.06 4.71 29.70
CA VAL B 149 4.79 5.28 29.20
C VAL B 149 3.70 4.82 30.15
N GLY B 150 2.75 5.72 30.48
CA GLY B 150 1.71 5.46 31.47
C GLY B 150 0.32 5.38 30.86
N GLY B 151 -0.64 5.03 31.71
CA GLY B 151 -2.02 4.94 31.23
C GLY B 151 -2.83 3.95 32.02
N GLU B 152 -4.15 3.98 31.78
CA GLU B 152 -5.07 3.04 32.42
C GLU B 152 -4.62 1.60 32.19
N LEU B 153 -4.46 0.86 33.27
CA LEU B 153 -3.98 -0.50 33.21
C LEU B 153 -5.15 -1.37 33.70
N SER B 154 -6.02 -1.81 32.79
CA SER B 154 -7.14 -2.64 33.17
C SER B 154 -6.65 -4.02 33.66
N ASP B 155 -7.57 -4.77 34.26
CA ASP B 155 -7.21 -6.08 34.77
C ASP B 155 -6.96 -7.08 33.64
N ARG B 156 -6.14 -8.09 33.96
CA ARG B 156 -5.86 -9.23 33.08
C ARG B 156 -5.40 -8.81 31.69
N LYS B 157 -4.69 -7.69 31.59
CA LYS B 157 -4.24 -7.19 30.30
C LYS B 157 -3.04 -7.99 29.79
N GLY B 158 -2.72 -7.80 28.51
CA GLY B 158 -1.71 -8.63 27.85
C GLY B 158 -0.30 -8.08 27.96
N VAL B 159 0.66 -8.99 28.05
CA VAL B 159 2.06 -8.67 28.29
C VAL B 159 2.90 -9.16 27.11
N ASN B 160 3.92 -8.39 26.75
CA ASN B 160 4.77 -8.70 25.61
C ASN B 160 6.23 -8.43 25.93
N VAL B 161 7.12 -9.30 25.48
CA VAL B 161 8.55 -9.05 25.71
C VAL B 161 9.29 -9.22 24.39
N PRO B 162 9.68 -8.16 23.73
CA PRO B 162 10.30 -8.34 22.42
C PRO B 162 11.76 -8.77 22.55
N GLU B 163 12.44 -8.31 23.60
CA GLU B 163 13.87 -8.57 23.70
C GLU B 163 14.16 -10.00 24.11
N ALA B 164 13.49 -10.47 25.15
CA ALA B 164 13.78 -11.78 25.72
C ALA B 164 13.08 -12.88 24.96
N VAL B 165 13.74 -14.02 24.85
CA VAL B 165 13.12 -15.25 24.37
C VAL B 165 12.94 -16.17 25.56
N LEU B 166 11.71 -16.63 25.74
CA LEU B 166 11.30 -17.36 26.93
C LEU B 166 11.42 -18.84 26.63
N GLN B 167 11.83 -19.61 27.65
CA GLN B 167 11.94 -21.08 27.50
C GLN B 167 10.57 -21.71 27.78
N LEU B 168 9.62 -21.50 26.86
CA LEU B 168 8.28 -22.06 26.98
C LEU B 168 7.81 -22.49 25.58
N SER B 169 7.03 -23.57 25.54
CA SER B 169 6.58 -24.23 24.33
C SER B 169 5.42 -23.48 23.67
N PRO B 170 5.46 -23.36 22.34
CA PRO B 170 4.34 -22.76 21.61
C PRO B 170 3.04 -23.52 21.79
N LEU B 171 3.12 -24.72 22.36
CA LEU B 171 1.97 -25.58 22.58
C LEU B 171 1.63 -25.63 24.07
N THR B 172 0.49 -25.05 24.45
CA THR B 172 0.04 -25.23 25.81
C THR B 172 -0.55 -26.64 25.93
N ASP B 173 -1.07 -26.98 27.12
CA ASP B 173 -1.85 -28.20 27.27
C ASP B 173 -3.17 -28.09 26.53
N LYS B 174 -3.83 -26.92 26.59
CA LYS B 174 -5.05 -26.74 25.80
C LYS B 174 -4.75 -26.88 24.32
N ASP B 175 -3.61 -26.37 23.88
CA ASP B 175 -3.26 -26.47 22.47
C ASP B 175 -3.17 -27.92 22.06
N ARG B 176 -2.49 -28.75 22.85
CA ARG B 176 -2.41 -30.15 22.48
C ARG B 176 -3.80 -30.81 22.45
N ARG B 177 -4.65 -30.53 23.44
CA ARG B 177 -6.01 -31.01 23.34
C ARG B 177 -6.68 -30.52 22.07
N ASP B 178 -6.67 -29.20 21.87
CA ASP B 178 -7.21 -28.59 20.65
C ASP B 178 -6.67 -29.29 19.41
N LEU B 179 -5.37 -29.58 19.40
CA LEU B 179 -4.76 -30.12 18.20
C LEU B 179 -5.28 -31.52 17.91
N ALA B 180 -5.22 -32.41 18.91
CA ALA B 180 -5.60 -33.79 18.68
C ALA B 180 -7.03 -33.89 18.19
N PHE B 181 -7.90 -33.00 18.70
CA PHE B 181 -9.29 -32.95 18.23
C PHE B 181 -9.37 -32.55 16.76
N GLY B 182 -8.59 -31.53 16.37
CA GLY B 182 -8.58 -31.13 14.97
C GLY B 182 -8.03 -32.22 14.06
N LEU B 183 -6.92 -32.82 14.47
CA LEU B 183 -6.44 -34.01 13.78
C LEU B 183 -7.56 -35.04 13.59
N GLU B 184 -8.22 -35.45 14.69
CA GLU B 184 -9.27 -36.47 14.59
C GLU B 184 -10.39 -36.02 13.63
N LEU B 185 -10.78 -34.76 13.74
CA LEU B 185 -11.77 -34.20 12.83
C LEU B 185 -11.30 -34.25 11.38
N GLY B 186 -9.99 -34.13 11.15
CA GLY B 186 -9.42 -34.08 9.81
C GLY B 186 -8.99 -32.73 9.21
N VAL B 187 -8.40 -31.84 10.01
CA VAL B 187 -7.94 -30.57 9.44
C VAL B 187 -6.78 -30.83 8.49
N ASP B 188 -6.62 -29.94 7.51
CA ASP B 188 -5.52 -30.01 6.56
C ASP B 188 -4.32 -29.16 6.97
N TRP B 189 -4.55 -27.97 7.50
CA TRP B 189 -3.47 -27.07 7.88
C TRP B 189 -3.55 -26.74 9.36
N VAL B 190 -2.44 -26.93 10.09
CA VAL B 190 -2.32 -26.44 11.47
C VAL B 190 -1.44 -25.20 11.48
N ALA B 191 -1.98 -24.08 11.92
CA ALA B 191 -1.19 -22.86 12.07
C ALA B 191 -0.71 -22.78 13.51
N LEU B 192 0.59 -22.71 13.69
CA LEU B 192 1.18 -22.66 15.01
C LEU B 192 1.43 -21.21 15.41
N SER B 193 1.01 -20.87 16.61
CA SER B 193 1.21 -19.51 17.12
C SER B 193 2.42 -19.49 18.07
N PHE B 194 2.93 -18.27 18.30
CA PHE B 194 4.02 -18.02 19.26
C PHE B 194 5.33 -18.73 18.88
N VAL B 195 5.61 -18.83 17.59
CA VAL B 195 6.88 -19.42 17.18
C VAL B 195 7.98 -18.41 17.45
N GLN B 196 9.01 -18.83 18.18
CA GLN B 196 10.17 -17.96 18.40
C GLN B 196 11.49 -18.61 18.01
N ARG B 197 11.52 -19.92 17.78
CA ARG B 197 12.71 -20.69 17.41
C ARG B 197 12.31 -21.70 16.35
N PRO B 198 13.25 -22.10 15.49
CA PRO B 198 12.92 -23.16 14.53
C PRO B 198 12.70 -24.52 15.21
N GLU B 199 13.23 -24.73 16.42
CA GLU B 199 12.97 -25.94 17.17
C GLU B 199 11.52 -26.06 17.61
N ASP B 200 10.80 -24.93 17.68
CA ASP B 200 9.38 -24.97 18.03
C ASP B 200 8.56 -25.69 16.98
N ILE B 201 9.05 -25.69 15.74
CA ILE B 201 8.37 -26.44 14.69
C ILE B 201 8.51 -27.93 14.94
N ASP B 202 9.65 -28.37 15.49
CA ASP B 202 9.86 -29.79 15.74
C ASP B 202 8.76 -30.36 16.62
N GLU B 203 8.56 -29.74 17.80
CA GLU B 203 7.54 -30.19 18.74
C GLU B 203 6.17 -30.40 18.09
N ALA B 204 5.67 -29.39 17.39
CA ALA B 204 4.35 -29.53 16.78
C ALA B 204 4.33 -30.58 15.68
N ARG B 205 5.41 -30.69 14.91
CA ARG B 205 5.49 -31.76 13.92
C ARG B 205 5.38 -33.12 14.60
N GLY B 206 6.07 -33.27 15.74
CA GLY B 206 6.00 -34.51 16.49
C GLY B 206 4.58 -34.94 16.80
N LEU B 207 3.75 -34.01 17.22
CA LEU B 207 2.37 -34.34 17.50
C LEU B 207 1.56 -34.57 16.23
N ILE B 208 1.92 -33.90 15.13
CA ILE B 208 1.14 -33.99 13.90
C ILE B 208 1.60 -35.14 13.02
N GLY B 209 2.91 -35.38 12.99
CA GLY B 209 3.43 -36.37 12.06
C GLY B 209 3.03 -35.98 10.64
N ASP B 210 2.32 -36.87 9.95
CA ASP B 210 1.95 -36.64 8.57
C ASP B 210 0.46 -36.37 8.42
N LYS B 211 -0.25 -36.17 9.54
CA LYS B 211 -1.69 -36.04 9.45
C LYS B 211 -2.08 -34.74 8.76
N ALA B 212 -1.31 -33.68 8.96
CA ALA B 212 -1.61 -32.39 8.34
C ALA B 212 -0.31 -31.62 8.11
N PHE B 213 -0.44 -30.54 7.32
CA PHE B 213 0.64 -29.59 7.04
C PHE B 213 0.69 -28.52 8.14
N LEU B 214 1.89 -28.05 8.42
CA LEU B 214 2.12 -27.17 9.56
C LEU B 214 2.43 -25.76 9.07
N MET B 215 1.92 -24.71 9.73
CA MET B 215 2.06 -23.32 9.25
C MET B 215 2.54 -22.41 10.38
N ALA B 216 3.75 -21.85 10.26
CA ALA B 216 4.32 -21.00 11.32
C ALA B 216 3.84 -19.54 11.25
N LYS B 217 3.48 -19.00 12.40
CA LYS B 217 3.06 -17.62 12.52
C LYS B 217 4.25 -16.81 12.98
N ILE B 218 4.67 -15.90 12.12
CA ILE B 218 5.69 -14.92 12.46
C ILE B 218 5.01 -13.76 13.16
N GLU B 219 5.21 -13.69 14.47
CA GLU B 219 4.59 -12.72 15.35
C GLU B 219 5.58 -12.02 16.23
N LYS B 220 6.76 -12.59 16.40
CA LYS B 220 7.74 -12.04 17.31
C LYS B 220 9.02 -11.78 16.53
N PRO B 221 9.80 -10.76 16.90
CA PRO B 221 11.07 -10.53 16.20
C PRO B 221 12.04 -11.69 16.35
N SER B 222 11.95 -12.42 17.47
CA SER B 222 12.66 -13.68 17.64
C SER B 222 12.59 -14.49 16.36
N ALA B 223 11.38 -14.64 15.83
CA ALA B 223 11.15 -15.45 14.65
C ALA B 223 11.58 -14.74 13.40
N VAL B 224 11.43 -13.41 13.35
CA VAL B 224 11.77 -12.67 12.13
C VAL B 224 13.26 -12.85 11.81
N SER B 225 14.12 -12.78 12.83
CA SER B 225 15.56 -12.99 12.63
C SER B 225 15.82 -14.35 12.01
N ALA B 226 15.31 -15.40 12.66
CA ALA B 226 15.51 -16.78 12.21
C ALA B 226 14.40 -17.20 11.29
N ILE B 227 13.87 -16.26 10.49
CA ILE B 227 12.85 -16.61 9.52
C ILE B 227 13.36 -17.68 8.58
N GLU B 228 14.63 -17.63 8.20
CA GLU B 228 15.18 -18.65 7.29
C GLU B 228 15.01 -20.04 7.86
N ALA B 229 15.52 -20.25 9.09
CA ALA B 229 15.46 -21.56 9.72
C ALA B 229 14.03 -22.07 9.84
N ILE B 230 13.15 -21.22 10.36
CA ILE B 230 11.75 -21.56 10.55
C ILE B 230 11.08 -21.91 9.23
N ALA B 231 11.34 -21.15 8.18
CA ALA B 231 10.65 -21.40 6.93
C ALA B 231 11.09 -22.70 6.26
N GLU B 232 12.26 -23.22 6.61
CA GLU B 232 12.63 -24.52 6.07
C GLU B 232 11.92 -25.64 6.80
N ARG B 233 11.91 -25.56 8.13
CA ARG B 233 11.37 -26.63 8.94
C ARG B 233 9.85 -26.62 9.05
N ALA B 234 9.18 -25.65 8.49
CA ALA B 234 7.73 -25.65 8.47
C ALA B 234 7.29 -25.76 7.01
N ASP B 235 5.99 -25.85 6.80
CA ASP B 235 5.43 -26.13 5.49
C ASP B 235 4.94 -24.86 4.80
N ALA B 236 4.66 -23.81 5.56
CA ALA B 236 4.21 -22.51 5.05
C ALA B 236 4.26 -21.52 6.20
N ILE B 237 4.13 -20.24 5.88
CA ILE B 237 4.30 -19.19 6.85
C ILE B 237 3.23 -18.10 6.73
N MET B 238 2.74 -17.65 7.89
CA MET B 238 1.80 -16.56 7.98
C MET B 238 2.44 -15.33 8.61
N VAL B 239 2.33 -14.19 7.92
CA VAL B 239 2.83 -12.92 8.44
C VAL B 239 1.70 -12.28 9.25
N ALA B 240 1.90 -12.19 10.57
CA ALA B 240 0.89 -11.65 11.49
C ALA B 240 1.23 -10.20 11.75
N ARG B 241 0.75 -9.33 10.90
CA ARG B 241 1.22 -7.96 10.97
C ARG B 241 0.85 -7.33 12.31
N GLY B 242 -0.44 -7.30 12.64
CA GLY B 242 -0.88 -6.81 13.93
C GLY B 242 -0.02 -7.28 15.09
N ASP B 243 0.36 -8.53 15.08
CA ASP B 243 1.07 -9.03 16.25
C ASP B 243 2.52 -8.63 16.23
N LEU B 244 3.06 -8.33 15.05
CA LEU B 244 4.41 -7.78 14.97
C LEU B 244 4.40 -6.33 15.42
N GLY B 245 3.42 -5.54 14.93
CA GLY B 245 3.31 -4.13 15.22
C GLY B 245 3.39 -3.80 16.70
N VAL B 246 2.92 -4.71 17.55
CA VAL B 246 3.05 -4.55 19.00
C VAL B 246 4.51 -4.65 19.42
N GLU B 247 5.21 -5.66 18.93
CA GLU B 247 6.57 -5.91 19.40
C GLU B 247 7.64 -5.17 18.58
N VAL B 248 7.25 -4.40 17.57
CA VAL B 248 8.27 -3.68 16.80
C VAL B 248 7.74 -2.34 16.29
N PRO B 249 8.65 -1.38 16.03
CA PRO B 249 8.29 -0.14 15.32
C PRO B 249 7.45 -0.31 14.08
N ALA B 250 6.27 0.32 14.01
CA ALA B 250 5.41 0.21 12.85
C ALA B 250 6.15 0.38 11.54
N GLU B 251 6.90 1.48 11.39
CA GLU B 251 7.61 1.71 10.11
C GLU B 251 8.52 0.54 9.72
N SER B 252 8.97 -0.26 10.71
CA SER B 252 9.78 -1.45 10.42
C SER B 252 8.97 -2.53 9.71
N VAL B 253 7.74 -2.76 10.16
CA VAL B 253 6.91 -3.89 9.74
C VAL B 253 6.85 -4.08 8.22
N PRO B 254 6.35 -3.12 7.43
CA PRO B 254 6.18 -3.42 6.01
C PRO B 254 7.49 -3.79 5.38
N GLY B 255 8.60 -3.39 5.99
CA GLY B 255 9.88 -3.92 5.56
C GLY B 255 9.97 -5.42 5.83
N ILE B 256 9.71 -5.81 7.08
CA ILE B 256 9.73 -7.22 7.49
C ILE B 256 8.83 -8.05 6.59
N GLN B 257 7.60 -7.59 6.37
CA GLN B 257 6.70 -8.36 5.54
C GLN B 257 7.34 -8.67 4.21
N LYS B 258 7.88 -7.63 3.53
CA LYS B 258 8.51 -7.84 2.23
C LYS B 258 9.65 -8.85 2.31
N ARG B 259 10.42 -8.80 3.39
CA ARG B 259 11.50 -9.77 3.56
C ARG B 259 10.96 -11.17 3.67
N ILE B 260 9.99 -11.38 4.57
CA ILE B 260 9.48 -12.71 4.82
C ILE B 260 8.91 -13.29 3.54
N VAL B 261 8.15 -12.49 2.79
CA VAL B 261 7.60 -13.01 1.55
C VAL B 261 8.71 -13.43 0.59
N GLN B 262 9.82 -12.68 0.54
CA GLN B 262 10.94 -13.09 -0.29
C GLN B 262 11.55 -14.40 0.20
N VAL B 263 11.80 -14.52 1.51
CA VAL B 263 12.39 -15.74 2.02
C VAL B 263 11.53 -16.92 1.62
N CYS B 264 10.21 -16.75 1.67
CA CYS B 264 9.34 -17.84 1.32
C CYS B 264 9.33 -18.08 -0.17
N ARG B 265 9.27 -17.02 -0.97
CA ARG B 265 9.20 -17.27 -2.40
C ARG B 265 10.49 -17.88 -2.92
N GLN B 266 11.59 -17.69 -2.19
CA GLN B 266 12.82 -18.40 -2.53
C GLN B 266 12.65 -19.88 -2.27
N LEU B 267 12.27 -20.26 -1.05
CA LEU B 267 12.14 -21.67 -0.69
C LEU B 267 10.88 -22.31 -1.26
N GLY B 268 10.01 -21.53 -1.91
CA GLY B 268 8.80 -22.07 -2.50
C GLY B 268 7.70 -22.43 -1.51
N LYS B 269 7.88 -22.11 -0.22
CA LYS B 269 6.88 -22.34 0.82
C LYS B 269 5.83 -21.24 0.76
N PRO B 270 4.55 -21.56 0.65
CA PRO B 270 3.55 -20.50 0.45
C PRO B 270 3.45 -19.58 1.67
N VAL B 271 3.00 -18.33 1.45
CA VAL B 271 2.86 -17.35 2.52
C VAL B 271 1.44 -16.84 2.59
N VAL B 272 1.03 -16.55 3.80
CA VAL B 272 -0.26 -15.95 4.06
C VAL B 272 0.01 -14.66 4.81
N VAL B 273 -0.49 -13.56 4.26
CA VAL B 273 -0.43 -12.26 4.92
C VAL B 273 -1.74 -12.15 5.69
N ALA B 274 -1.67 -11.91 7.00
CA ALA B 274 -2.87 -11.92 7.84
C ALA B 274 -2.95 -10.65 8.67
N THR B 275 -4.08 -10.43 9.35
CA THR B 275 -4.19 -9.31 10.29
C THR B 275 -4.25 -7.90 9.73
N GLN B 276 -5.33 -7.16 10.04
CA GLN B 276 -5.50 -5.74 9.62
C GLN B 276 -5.78 -5.62 8.12
N MET B 277 -6.14 -6.72 7.46
CA MET B 277 -6.42 -6.69 6.00
C MET B 277 -7.59 -5.74 5.71
N LEU B 278 -8.81 -6.14 6.10
CA LEU B 278 -10.01 -5.29 5.85
C LEU B 278 -10.84 -5.15 7.13
N GLU B 279 -10.30 -4.44 8.13
CA GLU B 279 -11.01 -4.25 9.42
C GLU B 279 -12.31 -3.46 9.23
N SER B 280 -12.29 -2.45 8.36
CA SER B 280 -13.49 -1.58 8.15
C SER B 280 -14.63 -2.43 7.60
N MET B 281 -14.33 -3.48 6.84
CA MET B 281 -15.39 -4.30 6.19
C MET B 281 -16.34 -4.90 7.23
N ARG B 282 -15.88 -5.12 8.46
CA ARG B 282 -16.74 -5.78 9.47
C ARG B 282 -17.99 -4.93 9.67
N PHE B 283 -17.84 -3.60 9.76
CA PHE B 283 -19.01 -2.72 10.04
C PHE B 283 -19.37 -1.88 8.80
N SER B 284 -18.57 -1.96 7.73
CA SER B 284 -18.81 -1.10 6.55
C SER B 284 -18.92 -1.94 5.27
N PRO B 285 -19.92 -1.70 4.40
CA PRO B 285 -20.02 -2.40 3.11
C PRO B 285 -18.82 -2.10 2.20
N ALA B 286 -18.32 -0.85 2.23
CA ALA B 286 -17.21 -0.45 1.32
C ALA B 286 -15.90 -0.33 2.11
N PRO B 287 -14.78 -0.90 1.61
CA PRO B 287 -13.48 -0.81 2.29
C PRO B 287 -12.86 0.59 2.13
N THR B 288 -11.91 0.93 3.01
CA THR B 288 -11.24 2.25 2.93
C THR B 288 -10.12 2.21 1.88
N ARG B 289 -9.88 3.32 1.17
CA ARG B 289 -8.78 3.41 0.21
C ARG B 289 -7.48 2.93 0.80
N ALA B 290 -7.27 3.21 2.09
CA ALA B 290 -6.05 2.76 2.74
C ALA B 290 -5.97 1.25 2.77
N GLU B 291 -7.08 0.60 3.14
CA GLU B 291 -7.08 -0.85 3.21
C GLU B 291 -6.84 -1.47 1.85
N VAL B 292 -7.51 -0.94 0.82
CA VAL B 292 -7.34 -1.47 -0.53
C VAL B 292 -5.87 -1.45 -0.91
N THR B 293 -5.13 -0.42 -0.49
CA THR B 293 -3.70 -0.37 -0.81
C THR B 293 -2.91 -1.39 -0.02
N ASP B 294 -3.26 -1.56 1.25
CA ASP B 294 -2.58 -2.56 2.11
C ASP B 294 -2.71 -3.93 1.43
N VAL B 295 -3.94 -4.30 1.02
CA VAL B 295 -4.17 -5.62 0.37
C VAL B 295 -3.42 -5.67 -0.96
N ALA B 296 -3.47 -4.58 -1.74
CA ALA B 296 -2.84 -4.59 -3.08
C ALA B 296 -1.34 -4.84 -2.96
N THR B 297 -0.68 -4.23 -1.97
CA THR B 297 0.79 -4.40 -1.81
C THR B 297 1.11 -5.87 -1.55
N ALA B 298 0.31 -6.53 -0.70
CA ALA B 298 0.54 -7.95 -0.36
C ALA B 298 0.43 -8.81 -1.63
N VAL B 299 -0.64 -8.63 -2.41
CA VAL B 299 -0.84 -9.42 -3.66
C VAL B 299 0.33 -9.12 -4.61
N GLY B 300 0.67 -7.84 -4.76
CA GLY B 300 1.77 -7.45 -5.67
C GLY B 300 3.07 -8.15 -5.32
N ALA B 301 3.32 -8.37 -4.02
CA ALA B 301 4.60 -8.98 -3.60
C ALA B 301 4.66 -10.41 -4.14
N GLY B 302 3.53 -10.97 -4.55
CA GLY B 302 3.53 -12.35 -4.98
C GLY B 302 3.17 -13.33 -3.90
N ALA B 303 2.55 -12.89 -2.83
CA ALA B 303 2.21 -13.77 -1.73
C ALA B 303 1.04 -14.65 -2.14
N ASP B 304 1.00 -15.88 -1.60
CA ASP B 304 0.02 -16.85 -2.10
C ASP B 304 -1.37 -16.52 -1.61
N ALA B 305 -1.51 -16.21 -0.32
CA ALA B 305 -2.90 -16.03 0.18
C ALA B 305 -3.05 -14.80 1.07
N VAL B 306 -4.25 -14.24 1.13
CA VAL B 306 -4.55 -13.09 2.02
C VAL B 306 -5.62 -13.59 2.99
N MET B 307 -5.46 -13.35 4.30
CA MET B 307 -6.42 -13.94 5.26
C MET B 307 -7.45 -12.92 5.75
N LEU B 308 -8.74 -13.25 5.63
CA LEU B 308 -9.80 -12.36 6.19
C LEU B 308 -10.15 -12.94 7.56
N SER B 309 -9.99 -12.13 8.63
CA SER B 309 -10.21 -12.68 9.99
C SER B 309 -11.51 -12.17 10.58
N ALA B 310 -11.46 -11.17 11.46
CA ALA B 310 -12.68 -10.70 12.17
C ALA B 310 -13.75 -10.28 11.16
N GLU B 311 -13.35 -9.89 9.95
CA GLU B 311 -14.31 -9.44 8.91
C GLU B 311 -15.25 -10.59 8.54
N THR B 312 -14.72 -11.81 8.45
CA THR B 312 -15.56 -12.97 8.02
C THR B 312 -16.05 -13.75 9.24
N ALA B 313 -15.33 -13.70 10.36
CA ALA B 313 -15.72 -14.50 11.52
C ALA B 313 -16.92 -13.88 12.22
N SER B 314 -16.82 -12.61 12.57
CA SER B 314 -17.75 -12.00 13.49
C SER B 314 -18.15 -10.60 13.06
N GLY B 315 -18.70 -10.50 11.85
CA GLY B 315 -18.84 -9.19 11.23
C GLY B 315 -20.03 -9.11 10.30
N GLN B 316 -20.59 -7.91 10.16
CA GLN B 316 -21.86 -7.74 9.40
C GLN B 316 -21.73 -8.17 7.94
N TYR B 317 -20.53 -8.12 7.36
CA TYR B 317 -20.42 -8.41 5.90
C TYR B 317 -19.32 -9.45 5.63
N PRO B 318 -19.47 -10.74 6.01
CA PRO B 318 -18.47 -11.74 5.66
C PRO B 318 -18.40 -12.00 4.15
N ARG B 319 -19.56 -12.16 3.50
CA ARG B 319 -19.60 -12.46 2.04
C ARG B 319 -19.04 -11.25 1.28
N GLU B 320 -19.45 -10.05 1.69
CA GLU B 320 -19.00 -8.81 0.99
C GLU B 320 -17.48 -8.68 1.11
N ALA B 321 -16.93 -9.02 2.28
CA ALA B 321 -15.47 -8.91 2.51
C ALA B 321 -14.74 -9.86 1.54
N VAL B 322 -15.25 -11.09 1.39
CA VAL B 322 -14.62 -12.07 0.45
C VAL B 322 -14.77 -11.54 -0.98
N GLU B 323 -15.94 -10.99 -1.32
CA GLU B 323 -16.18 -10.50 -2.71
C GLU B 323 -15.21 -9.33 -2.99
N MET B 324 -15.07 -8.41 -2.03
CA MET B 324 -14.16 -7.26 -2.21
C MET B 324 -12.71 -7.75 -2.28
N MET B 325 -12.35 -8.70 -1.43
CA MET B 325 -10.96 -9.25 -1.42
C MET B 325 -10.68 -9.81 -2.82
N ALA B 326 -11.64 -10.57 -3.37
CA ALA B 326 -11.45 -11.20 -4.69
C ALA B 326 -11.29 -10.10 -5.74
N LYS B 327 -12.09 -9.04 -5.65
CA LYS B 327 -12.02 -7.92 -6.64
C LYS B 327 -10.62 -7.29 -6.57
N ILE B 328 -10.14 -6.97 -5.37
CA ILE B 328 -8.83 -6.26 -5.25
C ILE B 328 -7.71 -7.14 -5.83
N VAL B 329 -7.70 -8.44 -5.50
CA VAL B 329 -6.57 -9.30 -5.98
C VAL B 329 -6.61 -9.36 -7.51
N ARG B 330 -7.80 -9.48 -8.10
CA ARG B 330 -7.96 -9.53 -9.57
C ARG B 330 -7.48 -8.21 -10.19
N GLN B 331 -7.79 -7.08 -9.55
CA GLN B 331 -7.36 -5.75 -10.05
C GLN B 331 -5.84 -5.74 -10.18
N VAL B 332 -5.14 -6.14 -9.12
CA VAL B 332 -3.65 -6.18 -9.14
C VAL B 332 -3.21 -7.09 -10.29
N GLU B 333 -3.76 -8.31 -10.35
CA GLU B 333 -3.37 -9.29 -11.40
C GLU B 333 -3.55 -8.67 -12.79
N ALA B 334 -4.62 -7.91 -13.00
CA ALA B 334 -4.90 -7.30 -14.32
C ALA B 334 -3.78 -6.31 -14.67
N GLU B 335 -3.27 -5.57 -13.68
CA GLU B 335 -2.21 -4.55 -13.93
C GLU B 335 -0.99 -5.20 -14.59
N PRO B 336 -0.40 -4.59 -15.64
CA PRO B 336 0.82 -5.11 -16.27
C PRO B 336 2.00 -5.14 -15.29
N ASP B 337 2.09 -4.15 -14.41
CA ASP B 337 3.24 -4.04 -13.45
C ASP B 337 3.26 -5.28 -12.55
N TYR B 338 2.10 -5.86 -12.23
CA TYR B 338 2.04 -7.02 -11.31
C TYR B 338 2.85 -8.18 -11.91
N HIS B 339 2.73 -8.41 -13.21
CA HIS B 339 3.53 -9.47 -13.87
C HIS B 339 5.02 -9.14 -13.74
N VAL B 340 5.38 -7.86 -13.95
CA VAL B 340 6.80 -7.42 -13.82
C VAL B 340 7.24 -7.60 -12.36
N GLN B 341 6.36 -7.28 -11.40
CA GLN B 341 6.70 -7.41 -9.96
C GLN B 341 6.95 -8.88 -9.62
N LEU B 342 6.14 -9.79 -10.19
CA LEU B 342 6.35 -11.24 -9.96
C LEU B 342 7.61 -11.65 -10.71
N GLU B 343 8.00 -10.89 -11.73
CA GLU B 343 9.20 -11.21 -12.55
C GLU B 343 10.49 -10.67 -11.92
N VAL B 344 10.45 -9.55 -11.20
CA VAL B 344 11.74 -9.07 -10.69
C VAL B 344 12.37 -10.00 -9.66
N ASN B 345 11.54 -10.61 -8.79
CA ASN B 345 12.06 -11.55 -7.75
C ASN B 345 12.64 -12.82 -8.40
N ARG B 346 11.89 -13.40 -9.35
CA ARG B 346 12.30 -14.53 -10.19
C ARG B 346 13.35 -15.46 -9.61
N PRO B 347 13.16 -15.99 -8.40
CA PRO B 347 14.22 -16.79 -7.79
C PRO B 347 15.07 -17.65 -8.71
N GLN B 348 16.38 -17.52 -8.57
CA GLN B 348 17.31 -18.21 -9.45
C GLN B 348 17.10 -19.72 -9.39
N PRO B 349 16.94 -20.39 -10.54
CA PRO B 349 16.77 -21.84 -10.50
C PRO B 349 18.08 -22.49 -10.07
N ASP B 350 17.97 -23.48 -9.22
CA ASP B 350 19.12 -24.24 -8.79
C ASP B 350 19.41 -25.33 -9.83
N ALA B 351 20.64 -25.85 -9.82
CA ALA B 351 21.03 -26.80 -10.85
C ALA B 351 20.31 -28.13 -10.67
N THR B 352 19.00 -28.16 -10.89
CA THR B 352 18.20 -29.35 -10.70
C THR B 352 17.32 -29.58 -11.91
N VAL B 353 16.80 -30.80 -11.98
CA VAL B 353 15.91 -31.18 -13.07
C VAL B 353 14.59 -30.42 -12.95
N SER B 354 13.99 -30.41 -11.76
CA SER B 354 12.69 -29.75 -11.57
C SER B 354 12.79 -28.25 -11.79
N ASP B 355 13.93 -27.66 -11.45
CA ASP B 355 14.14 -26.27 -11.77
C ASP B 355 14.37 -26.09 -13.27
N ALA B 356 15.18 -26.96 -13.87
CA ALA B 356 15.40 -26.90 -15.31
C ALA B 356 14.09 -26.93 -16.10
N ILE B 357 13.22 -27.93 -15.83
CA ILE B 357 11.93 -27.99 -16.53
C ILE B 357 11.07 -26.76 -16.24
N SER B 358 11.09 -26.27 -15.01
CA SER B 358 10.28 -25.08 -14.72
C SER B 358 10.73 -23.91 -15.57
N CYS B 359 12.04 -23.75 -15.74
CA CYS B 359 12.54 -22.72 -16.64
C CYS B 359 12.15 -23.00 -18.07
N ALA B 360 12.40 -24.23 -18.54
CA ALA B 360 11.99 -24.60 -19.88
C ALA B 360 10.51 -24.28 -20.09
N ILE B 361 9.69 -24.55 -19.07
CA ILE B 361 8.28 -24.20 -19.12
C ILE B 361 8.11 -22.70 -19.34
N ARG B 362 8.95 -21.89 -18.68
CA ARG B 362 8.84 -20.45 -18.85
C ARG B 362 9.10 -20.07 -20.28
N ARG B 363 10.21 -20.57 -20.85
CA ARG B 363 10.56 -20.24 -22.23
C ARG B 363 9.45 -20.64 -23.20
N VAL B 364 9.06 -21.91 -23.16
CA VAL B 364 8.05 -22.42 -24.10
C VAL B 364 6.78 -21.59 -24.05
N SER B 365 6.41 -21.11 -22.87
CA SER B 365 5.18 -20.36 -22.70
C SER B 365 5.27 -18.98 -23.34
N ARG B 366 6.48 -18.47 -23.54
CA ARG B 366 6.64 -17.24 -24.30
C ARG B 366 6.43 -17.49 -25.80
N ILE B 367 6.92 -18.61 -26.31
CA ILE B 367 6.82 -18.94 -27.74
C ILE B 367 5.39 -19.28 -28.16
N LEU B 368 4.60 -19.91 -27.28
CA LEU B 368 3.29 -20.48 -27.61
C LEU B 368 2.23 -20.05 -26.61
N PRO B 369 0.99 -19.98 -27.06
CA PRO B 369 -0.12 -19.69 -26.14
C PRO B 369 -0.49 -20.87 -25.23
N VAL B 370 0.17 -20.97 -24.08
CA VAL B 370 -0.10 -22.05 -23.14
C VAL B 370 -1.28 -21.65 -22.25
N ALA B 371 -2.41 -22.36 -22.38
CA ALA B 371 -3.60 -22.03 -21.59
C ALA B 371 -3.56 -22.64 -20.19
N VAL B 372 -2.81 -23.73 -20.01
CA VAL B 372 -2.80 -24.44 -18.74
C VAL B 372 -1.58 -25.36 -18.58
N LEU B 373 -0.87 -25.25 -17.45
CA LEU B 373 0.04 -26.30 -17.00
C LEU B 373 -0.73 -27.39 -16.27
N VAL B 374 -0.26 -28.63 -16.40
CA VAL B 374 -0.80 -29.69 -15.57
C VAL B 374 0.39 -30.40 -14.94
N ASN B 375 0.27 -30.78 -13.67
CA ASN B 375 1.35 -31.48 -13.01
C ASN B 375 0.76 -32.67 -12.26
N TYR B 376 1.51 -33.76 -12.21
CA TYR B 376 1.09 -34.96 -11.50
C TYR B 376 1.88 -34.99 -10.22
N THR B 377 1.17 -34.98 -9.10
CA THR B 377 1.85 -35.19 -7.86
C THR B 377 0.97 -36.01 -6.95
N GLU B 378 1.64 -36.72 -6.08
CA GLU B 378 1.00 -37.46 -5.03
C GLU B 378 1.25 -36.82 -3.68
N SER B 379 2.44 -36.27 -3.49
CA SER B 379 2.83 -35.59 -2.26
C SER B 379 2.68 -34.07 -2.32
N GLY B 380 2.26 -33.51 -3.43
CA GLY B 380 2.19 -32.06 -3.56
C GLY B 380 3.50 -31.36 -3.93
N ASN B 381 4.66 -31.87 -3.50
CA ASN B 381 5.91 -31.13 -3.65
C ASN B 381 6.23 -30.79 -5.11
N SER B 382 5.83 -31.64 -6.06
CA SER B 382 6.01 -31.30 -7.48
C SER B 382 5.28 -30.01 -7.81
N THR B 383 3.98 -29.94 -7.47
CA THR B 383 3.17 -28.74 -7.76
C THR B 383 3.64 -27.54 -6.98
N LEU B 384 4.19 -27.72 -5.77
CA LEU B 384 4.66 -26.56 -5.03
C LEU B 384 5.77 -25.87 -5.80
N ARG B 385 6.70 -26.68 -6.34
CA ARG B 385 7.78 -26.13 -7.13
C ARG B 385 7.24 -25.45 -8.40
N ALA B 386 6.27 -26.06 -9.05
CA ALA B 386 5.70 -25.45 -10.23
C ALA B 386 5.09 -24.09 -9.94
N ALA B 387 4.60 -23.86 -8.72
CA ALA B 387 4.02 -22.55 -8.47
C ALA B 387 5.09 -21.50 -8.19
N ARG B 388 6.27 -21.93 -7.71
CA ARG B 388 7.34 -20.99 -7.37
C ARG B 388 7.67 -20.07 -8.54
N GLU B 389 7.71 -20.62 -9.74
CA GLU B 389 8.02 -19.84 -10.93
C GLU B 389 6.95 -18.80 -11.23
N ARG B 390 5.81 -18.84 -10.56
CA ARG B 390 4.71 -17.91 -10.81
C ARG B 390 4.26 -17.86 -12.28
N PRO B 391 3.83 -19.00 -12.84
CA PRO B 391 3.45 -19.05 -14.26
C PRO B 391 2.28 -18.16 -14.62
N LYS B 392 2.30 -17.68 -15.86
CA LYS B 392 1.16 -16.87 -16.30
C LYS B 392 -0.06 -17.74 -16.50
N ALA B 393 0.18 -18.94 -17.04
CA ALA B 393 -0.90 -19.92 -17.32
C ALA B 393 -1.34 -20.56 -16.00
N PRO B 394 -2.63 -20.88 -15.80
CA PRO B 394 -3.10 -21.49 -14.56
C PRO B 394 -2.47 -22.88 -14.36
N ILE B 395 -2.23 -23.25 -13.09
CA ILE B 395 -1.60 -24.57 -12.80
C ILE B 395 -2.70 -25.56 -12.40
N LEU B 396 -2.74 -26.71 -13.09
CA LEU B 396 -3.73 -27.78 -12.76
C LEU B 396 -2.94 -28.95 -12.18
N SER B 397 -3.29 -29.39 -10.97
CA SER B 397 -2.52 -30.49 -10.32
C SER B 397 -3.36 -31.77 -10.26
N LEU B 398 -2.82 -32.86 -10.82
CA LEU B 398 -3.51 -34.18 -10.79
C LEU B 398 -2.95 -34.94 -9.58
N THR B 399 -3.85 -35.32 -8.66
CA THR B 399 -3.55 -35.98 -7.41
C THR B 399 -4.22 -37.32 -7.22
N PRO B 400 -3.46 -38.33 -6.83
CA PRO B 400 -4.05 -39.58 -6.38
C PRO B 400 -4.36 -39.52 -4.87
N ASN B 401 -4.91 -38.42 -4.40
CA ASN B 401 -4.85 -38.13 -2.96
C ASN B 401 -5.74 -36.92 -2.64
N LEU B 402 -6.48 -36.97 -1.54
CA LEU B 402 -7.28 -35.80 -1.18
C LEU B 402 -6.64 -34.94 -0.12
N ARG B 403 -5.80 -35.54 0.71
CA ARG B 403 -5.06 -34.71 1.63
C ARG B 403 -4.16 -33.74 0.86
N THR B 404 -3.67 -34.16 -0.32
CA THR B 404 -2.86 -33.27 -1.13
C THR B 404 -3.74 -32.22 -1.83
N ALA B 405 -4.80 -32.63 -2.52
CA ALA B 405 -5.67 -31.63 -3.15
C ALA B 405 -6.24 -30.61 -2.17
N ARG B 406 -6.29 -30.94 -0.90
CA ARG B 406 -6.81 -29.96 0.04
C ARG B 406 -5.73 -29.07 0.58
N ARG B 407 -4.58 -29.67 0.95
CA ARG B 407 -3.44 -28.88 1.40
C ARG B 407 -3.00 -27.83 0.38
N LEU B 408 -3.10 -28.14 -0.91
CA LEU B 408 -2.73 -27.23 -1.99
C LEU B 408 -3.85 -26.30 -2.38
N THR B 409 -4.72 -25.95 -1.46
CA THR B 409 -5.65 -24.90 -1.84
C THR B 409 -5.10 -23.54 -1.45
N VAL B 410 -4.13 -23.53 -0.53
CA VAL B 410 -3.50 -22.27 -0.16
C VAL B 410 -2.52 -21.82 -1.26
N ALA B 411 -1.88 -22.79 -1.93
CA ALA B 411 -0.84 -22.48 -2.94
C ALA B 411 -1.33 -21.48 -4.00
N TRP B 412 -0.44 -20.57 -4.42
CA TRP B 412 -0.79 -19.51 -5.42
C TRP B 412 -1.17 -20.13 -6.78
N GLY B 413 -2.27 -19.67 -7.37
CA GLY B 413 -2.71 -20.14 -8.71
C GLY B 413 -2.58 -21.64 -8.88
N VAL B 414 -2.95 -22.42 -7.86
CA VAL B 414 -2.94 -23.90 -8.02
C VAL B 414 -4.37 -24.42 -7.85
N TYR B 415 -4.83 -25.18 -8.84
CA TYR B 415 -6.17 -25.80 -8.77
C TYR B 415 -5.97 -27.31 -8.86
N SER B 416 -6.49 -28.05 -7.89
CA SER B 416 -6.26 -29.52 -7.87
C SER B 416 -7.57 -30.29 -8.06
N VAL B 417 -7.55 -31.24 -8.99
CA VAL B 417 -8.72 -32.12 -9.25
C VAL B 417 -8.26 -33.53 -8.87
N VAL B 418 -8.99 -34.20 -7.97
CA VAL B 418 -8.59 -35.56 -7.53
C VAL B 418 -9.01 -36.58 -8.60
N ASN B 419 -8.08 -37.43 -9.04
CA ASN B 419 -8.38 -38.41 -10.08
C ASN B 419 -7.64 -39.71 -9.76
N GLU B 420 -8.29 -40.84 -10.10
CA GLU B 420 -7.74 -42.17 -9.82
C GLU B 420 -6.32 -42.30 -10.36
N GLN B 421 -5.42 -42.84 -9.53
CA GLN B 421 -4.06 -42.98 -9.97
C GLN B 421 -4.01 -43.83 -11.22
N LEU B 422 -3.40 -43.30 -12.25
CA LEU B 422 -3.28 -43.99 -13.52
C LEU B 422 -1.83 -44.39 -13.69
N ALA B 423 -1.61 -45.38 -14.54
CA ALA B 423 -0.30 -45.98 -14.67
C ALA B 423 0.54 -45.44 -15.82
N HIS B 424 0.07 -44.46 -16.60
CA HIS B 424 0.94 -44.23 -17.74
C HIS B 424 0.89 -42.83 -18.36
N VAL B 425 2.08 -42.35 -18.76
CA VAL B 425 2.24 -40.96 -19.24
C VAL B 425 1.29 -40.65 -20.39
N ASP B 426 1.30 -41.48 -21.43
CA ASP B 426 0.43 -41.20 -22.58
C ASP B 426 -1.03 -41.39 -22.20
N GLU B 427 -1.32 -42.38 -21.34
CA GLU B 427 -2.66 -42.55 -20.83
C GLU B 427 -3.08 -41.33 -20.02
N ILE B 428 -2.21 -40.86 -19.13
CA ILE B 428 -2.60 -39.75 -18.27
C ILE B 428 -2.62 -38.42 -19.02
N CYS B 429 -1.85 -38.30 -20.11
CA CYS B 429 -1.86 -37.08 -20.91
C CYS B 429 -3.24 -36.78 -21.50
N SER B 430 -3.80 -37.76 -22.22
CA SER B 430 -5.16 -37.60 -22.72
C SER B 430 -6.10 -37.29 -21.56
N THR B 431 -5.94 -38.00 -20.44
CA THR B 431 -6.73 -37.72 -19.25
C THR B 431 -6.63 -36.23 -18.89
N ALA B 432 -5.40 -35.74 -18.75
CA ALA B 432 -5.16 -34.34 -18.44
C ALA B 432 -5.85 -33.42 -19.44
N LEU B 433 -5.85 -33.80 -20.72
CA LEU B 433 -6.54 -33.02 -21.74
C LEU B 433 -8.04 -32.97 -21.50
N ASP B 434 -8.66 -34.14 -21.34
CA ASP B 434 -10.08 -34.16 -21.03
C ASP B 434 -10.34 -33.41 -19.73
N ILE B 435 -9.57 -33.73 -18.68
CA ILE B 435 -9.70 -33.03 -17.40
C ILE B 435 -9.65 -31.53 -17.63
N ALA B 436 -8.71 -31.09 -18.46
CA ALA B 436 -8.56 -29.68 -18.75
C ALA B 436 -9.77 -29.14 -19.51
N LEU B 437 -10.14 -29.80 -20.61
CA LEU B 437 -11.32 -29.38 -21.36
C LEU B 437 -12.57 -29.52 -20.50
N ALA B 438 -12.58 -30.49 -19.58
CA ALA B 438 -13.69 -30.65 -18.65
C ALA B 438 -13.79 -29.46 -17.71
N GLN B 439 -12.70 -29.09 -17.04
CA GLN B 439 -12.68 -28.00 -16.06
C GLN B 439 -12.85 -26.62 -16.69
N ARG B 440 -13.21 -26.59 -17.97
CA ARG B 440 -13.48 -25.38 -18.81
C ARG B 440 -12.23 -24.51 -18.99
N MET B 441 -11.09 -24.98 -18.48
CA MET B 441 -9.82 -24.20 -18.57
C MET B 441 -9.36 -24.02 -20.03
N ALA B 442 -9.45 -25.07 -20.86
CA ALA B 442 -8.95 -24.97 -22.26
C ALA B 442 -10.09 -25.05 -23.28
N ARG B 443 -9.95 -24.31 -24.39
CA ARG B 443 -10.94 -24.29 -25.45
C ARG B 443 -10.50 -25.26 -26.54
N ARG B 444 -11.45 -25.64 -27.39
CA ARG B 444 -11.11 -26.55 -28.45
C ARG B 444 -10.12 -25.88 -29.39
N GLY B 445 -8.87 -26.34 -29.38
CA GLY B 445 -7.82 -25.75 -30.19
C GLY B 445 -6.67 -25.10 -29.45
N ASP B 446 -6.61 -25.19 -28.12
CA ASP B 446 -5.56 -24.56 -27.33
C ASP B 446 -4.33 -25.43 -27.17
N THR B 447 -3.32 -24.83 -26.56
CA THR B 447 -2.06 -25.51 -26.26
C THR B 447 -1.95 -25.71 -24.75
N VAL B 448 -1.60 -26.92 -24.33
CA VAL B 448 -1.44 -27.21 -22.91
C VAL B 448 -0.06 -27.83 -22.75
N VAL B 449 0.39 -27.88 -21.50
CA VAL B 449 1.69 -28.46 -21.17
C VAL B 449 1.50 -29.45 -20.03
N VAL B 450 2.14 -30.59 -20.13
CA VAL B 450 2.07 -31.62 -19.11
C VAL B 450 3.46 -31.86 -18.55
N THR B 451 3.54 -32.12 -17.25
CA THR B 451 4.81 -32.42 -16.57
C THR B 451 4.55 -33.47 -15.51
N ALA B 452 5.51 -34.37 -15.28
CA ALA B 452 5.35 -35.38 -14.24
C ALA B 452 6.71 -36.03 -13.93
N GLY B 453 6.69 -36.90 -12.92
CA GLY B 453 7.85 -37.72 -12.61
C GLY B 453 8.08 -38.80 -13.65
N VAL B 454 9.32 -39.27 -13.75
CA VAL B 454 9.60 -40.24 -14.80
C VAL B 454 8.93 -41.59 -14.51
N PRO B 455 9.25 -42.31 -13.39
CA PRO B 455 8.66 -43.64 -13.21
C PRO B 455 7.41 -43.71 -12.34
N PHE B 456 6.48 -42.74 -12.42
CA PHE B 456 5.29 -42.68 -11.57
C PHE B 456 5.51 -43.24 -10.17
N GLY B 457 6.51 -42.72 -9.49
CA GLY B 457 6.84 -43.18 -8.17
C GLY B 457 7.27 -41.99 -7.36
N ARG B 458 7.86 -42.24 -6.20
CA ARG B 458 8.43 -41.08 -5.53
C ARG B 458 9.96 -41.17 -5.34
N PRO B 459 10.74 -41.82 -6.23
CA PRO B 459 12.19 -41.58 -6.18
C PRO B 459 12.56 -40.28 -6.85
N GLY B 460 11.82 -39.86 -7.88
CA GLY B 460 12.12 -38.67 -8.66
C GLY B 460 11.11 -37.56 -8.48
N SER B 461 11.55 -36.33 -8.78
CA SER B 461 10.69 -35.15 -8.88
C SER B 461 10.32 -34.97 -10.34
N THR B 462 9.72 -33.82 -10.70
CA THR B 462 9.32 -33.61 -12.10
C THR B 462 10.48 -33.68 -13.09
N ASN B 463 10.49 -34.73 -13.92
CA ASN B 463 11.58 -34.99 -14.84
C ASN B 463 11.27 -34.76 -16.29
N MET B 464 10.02 -34.61 -16.67
CA MET B 464 9.72 -34.56 -18.09
C MET B 464 8.65 -33.53 -18.34
N LEU B 465 8.57 -33.06 -19.59
CA LEU B 465 7.47 -32.18 -19.99
C LEU B 465 6.98 -32.63 -21.34
N ARG B 466 5.79 -32.17 -21.73
CA ARG B 466 5.19 -32.59 -22.98
C ARG B 466 4.15 -31.55 -23.37
N ILE B 467 4.18 -31.08 -24.62
CA ILE B 467 3.21 -30.10 -25.10
C ILE B 467 2.08 -30.79 -25.83
N GLU B 468 0.87 -30.26 -25.75
CA GLU B 468 -0.22 -30.88 -26.47
C GLU B 468 -1.18 -29.82 -27.01
N THR B 469 -1.78 -30.13 -28.15
CA THR B 469 -2.77 -29.26 -28.75
C THR B 469 -4.13 -29.89 -28.52
N VAL B 470 -5.00 -29.19 -27.80
CA VAL B 470 -6.35 -29.71 -27.54
C VAL B 470 -7.25 -29.10 -28.61
N ALA B 471 -7.20 -29.69 -29.80
CA ALA B 471 -8.08 -29.35 -30.89
C ALA B 471 -9.38 -30.13 -30.70
N PRO B 472 -10.43 -29.82 -31.44
CA PRO B 472 -11.67 -30.60 -31.29
C PRO B 472 -11.34 -32.06 -31.50
N PRO B 473 -11.66 -32.94 -30.55
CA PRO B 473 -11.18 -34.32 -30.67
C PRO B 473 -11.64 -34.99 -31.96
N LEU B 474 -12.94 -35.30 -32.10
CA LEU B 474 -13.47 -35.54 -33.44
C LEU B 474 -14.78 -34.79 -33.60
N GLY B 475 -15.72 -35.08 -32.70
CA GLY B 475 -17.11 -34.78 -32.91
C GLY B 475 -17.65 -33.73 -31.95
N ASP B 476 -18.88 -33.30 -32.26
CA ASP B 476 -19.60 -32.29 -31.50
C ASP B 476 -21.07 -32.60 -31.24
N LEU B 477 -21.70 -33.56 -31.96
CA LEU B 477 -23.13 -33.84 -31.83
C LEU B 477 -23.49 -34.61 -30.54
#